data_3CGL
#
_entry.id   3CGL
#
_cell.length_a   111.202
_cell.length_b   78.269
_cell.length_c   188.566
_cell.angle_alpha   90.00
_cell.angle_beta   91.35
_cell.angle_gamma   90.00
#
_symmetry.space_group_name_H-M   'C 1 2 1'
#
loop_
_entity.id
_entity.type
_entity.pdbx_description
1 polymer 'GFP-like fluorescent chromoprotein dsFP483'
2 non-polymer 'SODIUM ION'
3 water water
#
_entity_poly.entity_id   1
_entity_poly.type   'polypeptide(L)'
_entity_poly.pdbx_seq_one_letter_code
;MRGSHHHHHHGMSCSKSVIKEEMLIDLHLEGTFNGHYFEIKGKGKGQPNEGTNTVTLEVTKGGPLPFGWHILCPQF
(CRQ)NKAFVHHPDNIHDYLKLSFPEGYTWERSMHFEDGGLCCITNDISLTGNCFYYDIKFTGLNFPPNGPVVQKKTTGW
EPSTERLYPRDGVLIGDIHHALTVEGGGHYACDIKTVYRAKKAALKMPGYHYVDTKLVIWNNDKEFMKVEEHEIAVARHH
PFYEPKKDK
;
_entity_poly.pdbx_strand_id   A,B,C,D,E,F
#
# COMPACT_ATOMS: atom_id res chain seq x y z
N MET A 12 -30.75 -25.02 -33.13
CA MET A 12 -31.22 -26.44 -32.97
C MET A 12 -30.76 -27.10 -31.66
N SER A 13 -29.48 -26.94 -31.31
CA SER A 13 -28.99 -27.48 -30.04
C SER A 13 -29.48 -26.63 -28.87
N CYS A 14 -29.61 -27.26 -27.70
CA CYS A 14 -30.09 -26.61 -26.48
C CYS A 14 -29.44 -25.25 -26.21
N SER A 15 -28.12 -25.17 -26.40
CA SER A 15 -27.33 -23.96 -26.08
C SER A 15 -27.73 -22.72 -26.89
N LYS A 16 -28.32 -22.94 -28.06
CA LYS A 16 -28.70 -21.84 -28.99
C LYS A 16 -29.87 -20.99 -28.48
N SER A 17 -30.78 -21.61 -27.76
CA SER A 17 -31.95 -20.88 -27.28
C SER A 17 -31.92 -20.70 -25.77
N VAL A 18 -30.76 -20.39 -25.21
CA VAL A 18 -30.70 -20.27 -23.76
C VAL A 18 -31.24 -18.92 -23.29
N ILE A 19 -31.06 -17.88 -24.10
CA ILE A 19 -31.68 -16.60 -23.76
C ILE A 19 -33.07 -16.54 -24.39
N LYS A 20 -34.10 -16.51 -23.56
CA LYS A 20 -35.47 -16.51 -24.06
C LYS A 20 -35.99 -15.07 -24.03
N GLU A 21 -37.15 -14.83 -24.65
CA GLU A 21 -37.73 -13.47 -24.70
C GLU A 21 -38.15 -13.05 -23.31
N GLU A 22 -38.54 -14.01 -22.48
CA GLU A 22 -38.82 -13.76 -21.08
C GLU A 22 -38.02 -14.68 -20.16
N MET A 23 -37.26 -14.07 -19.25
CA MET A 23 -36.46 -14.83 -18.30
C MET A 23 -36.87 -14.51 -16.89
N LEU A 24 -36.70 -15.47 -15.99
CA LEU A 24 -36.99 -15.25 -14.59
C LEU A 24 -35.71 -14.99 -13.86
N ILE A 25 -35.84 -14.47 -12.65
CA ILE A 25 -34.70 -14.13 -11.82
C ILE A 25 -34.98 -14.66 -10.43
N ASP A 26 -33.96 -15.29 -9.82
CA ASP A 26 -33.99 -15.73 -8.43
C ASP A 26 -32.69 -15.25 -7.84
N LEU A 27 -32.78 -14.47 -6.76
CA LEU A 27 -31.59 -13.85 -6.22
C LEU A 27 -31.46 -13.95 -4.71
N HIS A 28 -30.21 -13.97 -4.27
CA HIS A 28 -29.88 -13.93 -2.87
C HIS A 28 -28.77 -12.94 -2.70
N LEU A 29 -28.90 -12.10 -1.69
CA LEU A 29 -27.86 -11.15 -1.35
C LEU A 29 -27.53 -11.34 0.11
N GLU A 30 -26.24 -11.43 0.43
CA GLU A 30 -25.76 -11.41 1.81
C GLU A 30 -24.79 -10.25 1.86
N GLY A 31 -24.86 -9.49 2.93
CA GLY A 31 -24.00 -8.34 3.02
C GLY A 31 -23.81 -7.83 4.42
N THR A 32 -22.83 -6.95 4.56
CA THR A 32 -22.67 -6.17 5.78
C THR A 32 -22.62 -4.71 5.38
N PHE A 33 -23.22 -3.86 6.21
CA PHE A 33 -23.09 -2.42 6.04
C PHE A 33 -22.65 -1.79 7.35
N ASN A 34 -21.46 -1.17 7.33
CA ASN A 34 -20.88 -0.60 8.52
C ASN A 34 -20.93 -1.62 9.67
N GLY A 35 -20.59 -2.88 9.32
CA GLY A 35 -20.61 -3.98 10.28
C GLY A 35 -21.95 -4.69 10.51
N HIS A 36 -23.02 -4.12 9.97
CA HIS A 36 -24.37 -4.67 10.18
C HIS A 36 -24.69 -5.73 9.12
N TYR A 37 -24.94 -6.94 9.58
CA TYR A 37 -25.21 -8.06 8.70
C TYR A 37 -26.66 -8.10 8.25
N PHE A 38 -26.87 -8.41 6.98
CA PHE A 38 -28.23 -8.54 6.47
C PHE A 38 -28.28 -9.47 5.25
N GLU A 39 -29.48 -10.00 5.03
CA GLU A 39 -29.73 -10.90 3.92
C GLU A 39 -30.98 -10.45 3.23
N ILE A 40 -31.00 -10.59 1.92
CA ILE A 40 -32.14 -10.21 1.11
C ILE A 40 -32.32 -11.28 0.04
N LYS A 41 -33.57 -11.64 -0.19
CA LYS A 41 -33.90 -12.56 -1.27
C LYS A 41 -34.83 -11.87 -2.26
N GLY A 42 -34.90 -12.40 -3.48
CA GLY A 42 -35.66 -11.73 -4.49
C GLY A 42 -36.00 -12.65 -5.62
N LYS A 43 -37.06 -12.29 -6.34
CA LYS A 43 -37.50 -12.97 -7.53
C LYS A 43 -37.88 -11.90 -8.51
N GLY A 44 -37.78 -12.22 -9.79
CA GLY A 44 -38.29 -11.31 -10.78
C GLY A 44 -38.37 -11.92 -12.16
N LYS A 45 -38.46 -11.04 -13.15
CA LYS A 45 -38.54 -11.46 -14.53
C LYS A 45 -38.12 -10.29 -15.39
N GLY A 46 -37.65 -10.59 -16.58
CA GLY A 46 -37.17 -9.57 -17.47
C GLY A 46 -37.30 -10.04 -18.89
N GLN A 47 -37.00 -9.11 -19.80
CA GLN A 47 -37.11 -9.32 -21.22
C GLN A 47 -35.74 -8.94 -21.77
N PRO A 48 -34.83 -9.93 -21.90
CA PRO A 48 -33.42 -9.62 -22.17
C PRO A 48 -33.19 -8.83 -23.45
N ASN A 49 -33.98 -9.11 -24.48
CA ASN A 49 -33.81 -8.41 -25.74
C ASN A 49 -34.46 -7.04 -25.74
N GLU A 50 -35.47 -6.84 -24.88
CA GLU A 50 -36.09 -5.53 -24.74
C GLU A 50 -35.28 -4.63 -23.78
N GLY A 51 -34.36 -5.22 -23.00
CA GLY A 51 -33.57 -4.43 -22.09
C GLY A 51 -34.27 -4.06 -20.79
N THR A 52 -35.24 -4.86 -20.34
CA THR A 52 -36.00 -4.54 -19.13
C THR A 52 -36.04 -5.70 -18.13
N ASN A 53 -36.03 -5.37 -16.84
CA ASN A 53 -36.38 -6.38 -15.84
C ASN A 53 -36.95 -5.72 -14.60
N THR A 54 -37.73 -6.50 -13.87
CA THR A 54 -38.37 -6.14 -12.63
C THR A 54 -38.06 -7.23 -11.61
N VAL A 55 -37.72 -6.81 -10.40
CA VAL A 55 -37.47 -7.72 -9.31
C VAL A 55 -38.19 -7.20 -8.08
N THR A 56 -38.58 -8.12 -7.23
CA THR A 56 -39.22 -7.84 -5.96
C THR A 56 -38.32 -8.48 -4.89
N LEU A 57 -37.91 -7.67 -3.93
CA LEU A 57 -36.95 -8.07 -2.92
C LEU A 57 -37.67 -8.11 -1.59
N GLU A 58 -37.25 -9.03 -0.73
CA GLU A 58 -37.68 -9.06 0.66
C GLU A 58 -36.45 -9.19 1.52
N VAL A 59 -36.34 -8.33 2.52
CA VAL A 59 -35.28 -8.44 3.52
C VAL A 59 -35.59 -9.60 4.45
N THR A 60 -34.72 -10.60 4.48
CA THR A 60 -34.98 -11.80 5.27
C THR A 60 -34.21 -11.89 6.58
N LYS A 61 -33.16 -11.07 6.72
CA LYS A 61 -32.35 -11.06 7.93
C LYS A 61 -31.77 -9.68 8.10
N GLY A 62 -31.78 -9.20 9.34
CA GLY A 62 -31.14 -7.91 9.67
C GLY A 62 -31.93 -6.67 9.30
N GLY A 63 -33.24 -6.83 9.07
CA GLY A 63 -34.11 -5.70 8.76
C GLY A 63 -34.96 -5.26 9.96
N PRO A 64 -35.59 -4.08 9.90
CA PRO A 64 -35.43 -2.99 8.92
C PRO A 64 -33.97 -2.52 8.83
N LEU A 65 -33.49 -2.31 7.62
CA LEU A 65 -32.08 -1.98 7.41
C LEU A 65 -31.75 -0.60 8.00
N PRO A 66 -30.59 -0.49 8.65
CA PRO A 66 -30.15 0.76 9.27
C PRO A 66 -29.42 1.67 8.27
N PHE A 67 -29.99 1.79 7.06
CA PHE A 67 -29.46 2.62 6.00
C PHE A 67 -30.48 2.64 4.88
N GLY A 68 -30.32 3.62 4.00
CA GLY A 68 -31.24 3.77 2.89
C GLY A 68 -31.11 2.67 1.85
N TRP A 69 -32.26 2.20 1.40
CA TRP A 69 -32.34 1.14 0.43
C TRP A 69 -31.49 1.28 -0.83
N HIS A 70 -31.48 2.48 -1.39
CA HIS A 70 -31.12 2.71 -2.80
C HIS A 70 -29.73 2.29 -3.23
N ILE A 71 -28.77 2.30 -2.31
CA ILE A 71 -27.43 1.79 -2.64
C ILE A 71 -27.44 0.33 -3.08
N LEU A 72 -28.45 -0.41 -2.63
CA LEU A 72 -28.56 -1.82 -2.97
C LEU A 72 -29.12 -2.07 -4.35
N CYS A 73 -29.88 -1.12 -4.89
CA CYS A 73 -30.62 -1.31 -6.16
C CYS A 73 -29.80 -1.85 -7.31
N PRO A 74 -28.64 -1.21 -7.64
CA PRO A 74 -27.89 -1.71 -8.79
C PRO A 74 -27.33 -3.11 -8.55
N GLN A 75 -27.29 -3.56 -7.28
CA GLN A 75 -26.74 -4.88 -6.99
C GLN A 75 -27.73 -5.94 -7.41
N PHE A 76 -29.01 -5.68 -7.19
CA PHE A 76 -30.05 -6.61 -7.59
C PHE A 76 -30.27 -6.56 -9.08
N ASN A 78 -27.64 -7.53 -13.60
CA ASN A 78 -27.34 -8.51 -14.62
C ASN A 78 -27.54 -7.84 -15.95
N LYS A 79 -26.43 -7.37 -16.51
CA LYS A 79 -26.46 -6.68 -17.78
C LYS A 79 -26.67 -7.61 -18.98
N ALA A 80 -27.05 -8.87 -18.73
CA ALA A 80 -27.74 -9.64 -19.76
C ALA A 80 -29.09 -9.01 -20.17
N PHE A 81 -29.72 -8.25 -19.28
CA PHE A 81 -30.98 -7.56 -19.59
C PHE A 81 -30.68 -6.15 -20.15
N VAL A 82 -29.85 -6.07 -21.17
CA VAL A 82 -29.55 -4.80 -21.81
C VAL A 82 -29.87 -4.99 -23.28
N HIS A 83 -30.61 -4.07 -23.89
CA HIS A 83 -30.84 -4.16 -25.32
C HIS A 83 -29.56 -3.77 -26.06
N HIS A 84 -29.12 -4.69 -26.91
CA HIS A 84 -27.98 -4.48 -27.78
C HIS A 84 -28.44 -4.41 -29.22
N PRO A 85 -27.98 -3.39 -29.98
CA PRO A 85 -28.13 -3.44 -31.41
C PRO A 85 -27.22 -4.51 -31.95
N ASP A 86 -27.52 -4.99 -33.16
CA ASP A 86 -26.79 -6.06 -33.79
C ASP A 86 -25.30 -5.73 -33.91
N ASN A 87 -24.96 -4.44 -34.01
CA ASN A 87 -23.55 -4.06 -34.19
C ASN A 87 -22.74 -3.85 -32.91
N ILE A 88 -23.34 -4.15 -31.76
CA ILE A 88 -22.55 -4.23 -30.53
C ILE A 88 -22.55 -5.68 -30.01
N HIS A 89 -21.38 -6.31 -30.00
CA HIS A 89 -21.27 -7.67 -29.51
C HIS A 89 -21.81 -7.79 -28.09
N ASP A 90 -22.68 -8.78 -27.87
CA ASP A 90 -23.35 -8.92 -26.57
C ASP A 90 -22.63 -9.93 -25.69
N TYR A 91 -21.53 -9.47 -25.10
CA TYR A 91 -20.61 -10.28 -24.30
C TYR A 91 -21.35 -11.07 -23.23
N LEU A 92 -22.25 -10.41 -22.52
CA LEU A 92 -22.90 -11.03 -21.37
C LEU A 92 -23.97 -12.05 -21.76
N LYS A 93 -24.82 -11.74 -22.75
CA LYS A 93 -25.75 -12.75 -23.27
C LYS A 93 -25.02 -13.99 -23.78
N LEU A 94 -23.93 -13.76 -24.49
CA LEU A 94 -23.16 -14.86 -25.07
C LEU A 94 -22.34 -15.66 -24.07
N SER A 95 -22.19 -15.16 -22.85
CA SER A 95 -21.51 -15.91 -21.77
C SER A 95 -22.34 -17.11 -21.32
N PHE A 96 -23.63 -17.10 -21.64
CA PHE A 96 -24.52 -18.20 -21.27
C PHE A 96 -24.51 -19.31 -22.32
N PRO A 97 -24.77 -20.58 -21.92
CA PRO A 97 -25.29 -21.06 -20.63
C PRO A 97 -24.34 -21.02 -19.42
N GLU A 98 -23.03 -20.97 -19.65
CA GLU A 98 -22.05 -20.97 -18.55
C GLU A 98 -22.30 -19.82 -17.56
N GLY A 99 -22.45 -18.61 -18.07
CA GLY A 99 -22.77 -17.48 -17.22
C GLY A 99 -21.52 -16.65 -17.01
N TYR A 100 -21.56 -15.81 -15.99
CA TYR A 100 -20.49 -14.87 -15.75
C TYR A 100 -20.57 -14.39 -14.33
N THR A 101 -19.51 -13.69 -13.92
CA THR A 101 -19.48 -13.02 -12.64
C THR A 101 -19.24 -11.57 -12.91
N TRP A 102 -19.68 -10.71 -11.99
CA TRP A 102 -19.23 -9.35 -11.98
C TRP A 102 -18.74 -8.97 -10.62
N GLU A 103 -17.86 -7.98 -10.59
CA GLU A 103 -17.29 -7.46 -9.37
C GLU A 103 -17.34 -5.94 -9.51
N ARG A 104 -17.76 -5.27 -8.44
CA ARG A 104 -18.04 -3.86 -8.52
C ARG A 104 -17.53 -3.11 -7.30
N SER A 105 -16.99 -1.91 -7.52
CA SER A 105 -16.73 -0.99 -6.43
C SER A 105 -17.58 0.25 -6.67
N MET A 106 -18.03 0.86 -5.58
CA MET A 106 -18.75 2.13 -5.66
C MET A 106 -18.12 3.04 -4.63
N HIS A 107 -17.40 4.07 -5.09
CA HIS A 107 -16.79 5.05 -4.20
C HIS A 107 -17.69 6.26 -4.17
N PHE A 108 -18.21 6.55 -2.99
CA PHE A 108 -19.10 7.68 -2.81
C PHE A 108 -18.32 8.92 -2.43
N GLU A 109 -18.92 10.08 -2.70
CA GLU A 109 -18.26 11.35 -2.49
C GLU A 109 -17.87 11.62 -1.03
N ASP A 110 -18.54 10.97 -0.08
CA ASP A 110 -18.18 11.20 1.32
C ASP A 110 -17.31 10.09 1.94
N GLY A 111 -16.65 9.29 1.09
CA GLY A 111 -15.74 8.25 1.61
C GLY A 111 -16.36 6.86 1.75
N GLY A 112 -17.68 6.77 1.71
CA GLY A 112 -18.35 5.48 1.75
C GLY A 112 -17.86 4.67 0.56
N LEU A 113 -17.71 3.36 0.77
CA LEU A 113 -17.26 2.45 -0.27
C LEU A 113 -18.06 1.15 -0.22
N CYS A 114 -18.58 0.74 -1.37
CA CYS A 114 -19.22 -0.57 -1.49
C CYS A 114 -18.43 -1.43 -2.44
N CYS A 115 -18.27 -2.69 -2.04
CA CYS A 115 -17.67 -3.72 -2.85
C CYS A 115 -18.72 -4.84 -2.97
N ILE A 116 -19.05 -5.22 -4.20
CA ILE A 116 -20.15 -6.15 -4.46
C ILE A 116 -19.71 -7.12 -5.52
N THR A 117 -20.11 -8.39 -5.38
CA THR A 117 -19.90 -9.38 -6.43
C THR A 117 -21.20 -10.13 -6.71
N ASN A 118 -21.34 -10.63 -7.92
CA ASN A 118 -22.48 -11.45 -8.29
C ASN A 118 -21.96 -12.55 -9.20
N ASP A 119 -22.36 -13.77 -8.90
CA ASP A 119 -22.05 -14.89 -9.73
C ASP A 119 -23.42 -15.25 -10.33
N ILE A 120 -23.52 -15.16 -11.64
CA ILE A 120 -24.78 -15.41 -12.31
C ILE A 120 -24.72 -16.71 -13.07
N SER A 121 -25.68 -17.57 -12.75
CA SER A 121 -25.89 -18.80 -13.43
C SER A 121 -27.33 -18.89 -14.02
N LEU A 122 -27.56 -19.90 -14.82
CA LEU A 122 -28.83 -20.04 -15.53
C LEU A 122 -29.24 -21.50 -15.53
N THR A 123 -30.51 -21.76 -15.16
CA THR A 123 -31.14 -23.06 -15.34
C THR A 123 -32.53 -22.81 -15.92
N GLY A 124 -32.90 -23.54 -16.97
CA GLY A 124 -34.14 -23.31 -17.70
C GLY A 124 -34.15 -21.85 -18.14
N ASN A 125 -35.20 -21.11 -17.82
CA ASN A 125 -35.20 -19.67 -18.13
C ASN A 125 -35.02 -18.80 -16.89
N CYS A 126 -34.44 -19.37 -15.84
CA CYS A 126 -34.22 -18.62 -14.60
C CYS A 126 -32.76 -18.35 -14.34
N PHE A 127 -32.38 -17.07 -14.30
CA PHE A 127 -31.11 -16.63 -13.77
C PHE A 127 -31.08 -16.70 -12.25
N TYR A 128 -29.95 -17.15 -11.72
CA TYR A 128 -29.74 -17.21 -10.29
C TYR A 128 -28.58 -16.28 -9.97
N TYR A 129 -28.81 -15.34 -9.06
CA TYR A 129 -27.78 -14.38 -8.65
C TYR A 129 -27.36 -14.72 -7.24
N ASP A 130 -26.06 -14.83 -7.06
CA ASP A 130 -25.47 -15.05 -5.76
C ASP A 130 -24.67 -13.79 -5.43
N ILE A 131 -25.28 -12.88 -4.69
CA ILE A 131 -24.72 -11.56 -4.48
C ILE A 131 -24.10 -11.41 -3.09
N LYS A 132 -22.89 -10.85 -3.06
CA LYS A 132 -22.16 -10.59 -1.82
C LYS A 132 -21.89 -9.10 -1.75
N PHE A 133 -22.34 -8.47 -0.67
CA PHE A 133 -22.27 -7.04 -0.51
C PHE A 133 -21.47 -6.63 0.75
N THR A 134 -20.55 -5.69 0.58
CA THR A 134 -19.81 -5.07 1.68
C THR A 134 -19.90 -3.54 1.52
N GLY A 135 -20.40 -2.85 2.53
CA GLY A 135 -20.49 -1.39 2.51
C GLY A 135 -19.72 -0.91 3.72
N LEU A 136 -18.74 -0.04 3.49
CA LEU A 136 -17.89 0.39 4.57
C LEU A 136 -17.60 1.89 4.57
N ASN A 137 -17.24 2.37 5.76
CA ASN A 137 -16.78 3.73 5.95
C ASN A 137 -17.84 4.77 5.62
N PHE A 138 -19.10 4.43 5.78
CA PHE A 138 -20.16 5.41 5.53
C PHE A 138 -20.33 6.27 6.76
N PRO A 139 -20.26 7.60 6.57
CA PRO A 139 -20.35 8.49 7.75
C PRO A 139 -21.75 8.46 8.39
N PRO A 140 -21.83 8.64 9.74
CA PRO A 140 -23.13 8.47 10.41
C PRO A 140 -24.17 9.53 10.03
N ASN A 141 -23.69 10.69 9.62
CA ASN A 141 -24.59 11.76 9.19
C ASN A 141 -24.70 11.92 7.66
N GLY A 142 -24.15 10.97 6.91
CA GLY A 142 -24.31 10.92 5.47
C GLY A 142 -25.72 10.50 5.09
N PRO A 143 -26.14 10.78 3.84
CA PRO A 143 -27.49 10.48 3.35
C PRO A 143 -27.87 8.99 3.30
N VAL A 144 -26.88 8.09 3.23
CA VAL A 144 -27.14 6.66 3.27
C VAL A 144 -27.54 6.19 4.66
N VAL A 145 -26.68 6.41 5.66
CA VAL A 145 -27.02 6.07 7.03
C VAL A 145 -28.28 6.83 7.48
N GLN A 146 -28.42 8.08 7.08
CA GLN A 146 -29.61 8.86 7.46
C GLN A 146 -30.87 8.55 6.63
N LYS A 147 -30.78 7.65 5.65
CA LYS A 147 -31.96 7.27 4.87
C LYS A 147 -32.57 8.49 4.16
N LYS A 148 -31.69 9.30 3.57
CA LYS A 148 -32.07 10.51 2.87
C LYS A 148 -32.05 10.32 1.35
N THR A 149 -31.52 9.19 0.88
CA THR A 149 -31.53 8.89 -0.57
C THR A 149 -32.96 8.58 -1.02
N THR A 150 -33.27 8.98 -2.24
CA THR A 150 -34.64 8.91 -2.75
C THR A 150 -34.72 8.17 -4.09
N GLY A 151 -33.58 7.72 -4.61
CA GLY A 151 -33.55 6.94 -5.84
C GLY A 151 -32.28 7.27 -6.60
N TRP A 152 -32.17 6.78 -7.82
CA TRP A 152 -30.99 7.04 -8.63
C TRP A 152 -31.40 7.87 -9.82
N GLU A 153 -30.50 8.76 -10.26
CA GLU A 153 -30.65 9.34 -11.59
C GLU A 153 -30.48 8.22 -12.62
N PRO A 154 -31.04 8.40 -13.83
CA PRO A 154 -30.60 7.53 -14.92
C PRO A 154 -29.06 7.64 -15.12
N SER A 155 -28.45 6.62 -15.71
CA SER A 155 -26.98 6.66 -15.82
C SER A 155 -26.50 6.20 -17.16
N THR A 156 -25.23 6.49 -17.40
CA THR A 156 -24.56 6.10 -18.62
C THR A 156 -23.24 5.48 -18.19
N GLU A 157 -23.05 4.22 -18.54
CA GLU A 157 -21.83 3.50 -18.26
C GLU A 157 -20.96 3.47 -19.50
N ARG A 158 -19.67 3.82 -19.33
CA ARG A 158 -18.72 3.63 -20.40
C ARG A 158 -18.03 2.28 -20.23
N LEU A 159 -18.00 1.51 -21.33
CA LEU A 159 -17.47 0.16 -21.32
C LEU A 159 -16.39 0.01 -22.35
N TYR A 160 -15.40 -0.80 -22.01
CA TYR A 160 -14.35 -1.12 -22.97
C TYR A 160 -13.83 -2.52 -22.64
N PRO A 161 -13.33 -3.25 -23.66
CA PRO A 161 -12.77 -4.57 -23.43
C PRO A 161 -11.32 -4.49 -22.94
N ARG A 162 -10.94 -5.45 -22.11
CA ARG A 162 -9.57 -5.52 -21.60
C ARG A 162 -9.34 -6.97 -21.17
N ASP A 163 -8.37 -7.62 -21.80
CA ASP A 163 -7.94 -8.98 -21.43
C ASP A 163 -9.09 -10.01 -21.49
N GLY A 164 -9.98 -9.86 -22.48
CA GLY A 164 -11.12 -10.77 -22.61
C GLY A 164 -12.24 -10.54 -21.62
N VAL A 165 -12.12 -9.51 -20.79
CA VAL A 165 -13.21 -9.17 -19.91
C VAL A 165 -13.72 -7.76 -20.23
N LEU A 166 -14.85 -7.42 -19.65
CA LEU A 166 -15.48 -6.14 -19.89
C LEU A 166 -15.40 -5.26 -18.66
N ILE A 167 -14.94 -4.02 -18.86
CA ILE A 167 -14.85 -3.03 -17.80
C ILE A 167 -15.83 -1.88 -18.07
N GLY A 168 -16.67 -1.58 -17.09
CA GLY A 168 -17.60 -0.46 -17.22
C GLY A 168 -17.40 0.47 -16.06
N ASP A 169 -17.48 1.77 -16.32
CA ASP A 169 -17.34 2.77 -15.27
C ASP A 169 -18.49 3.73 -15.41
N ILE A 170 -19.08 4.12 -14.28
CA ILE A 170 -20.18 5.09 -14.24
C ILE A 170 -19.86 6.23 -13.28
N HIS A 171 -20.12 7.46 -13.71
CA HIS A 171 -20.26 8.58 -12.81
C HIS A 171 -21.75 8.74 -12.54
N HIS A 172 -22.12 8.29 -11.36
CA HIS A 172 -23.54 8.06 -11.05
C HIS A 172 -23.95 8.98 -9.92
N ALA A 173 -25.21 8.94 -9.53
CA ALA A 173 -25.65 9.77 -8.41
C ALA A 173 -26.98 9.33 -7.91
N LEU A 174 -27.10 9.34 -6.59
CA LEU A 174 -28.38 9.18 -5.93
C LEU A 174 -28.98 10.55 -5.77
N THR A 175 -30.29 10.62 -5.91
CA THR A 175 -31.00 11.84 -5.57
C THR A 175 -31.17 11.79 -4.05
N VAL A 176 -31.16 12.95 -3.40
CA VAL A 176 -31.41 12.99 -1.95
C VAL A 176 -32.58 13.89 -1.61
N GLU A 177 -33.19 13.65 -0.46
CA GLU A 177 -34.43 14.34 -0.01
C GLU A 177 -34.60 15.86 -0.22
N GLY A 178 -33.60 16.65 0.15
CA GLY A 178 -33.81 18.10 0.01
C GLY A 178 -33.82 18.60 -1.42
N GLY A 179 -33.68 17.68 -2.36
CA GLY A 179 -33.15 18.01 -3.68
C GLY A 179 -31.66 17.84 -3.48
N GLY A 180 -30.92 17.69 -4.57
CA GLY A 180 -29.50 17.47 -4.45
C GLY A 180 -29.10 16.05 -4.81
N HIS A 181 -27.80 15.85 -4.93
CA HIS A 181 -27.27 14.60 -5.40
C HIS A 181 -26.19 14.09 -4.48
N TYR A 182 -26.03 12.78 -4.49
CA TYR A 182 -24.99 12.16 -3.72
C TYR A 182 -24.26 11.33 -4.76
N ALA A 183 -23.06 11.78 -5.12
CA ALA A 183 -22.35 11.24 -6.27
C ALA A 183 -21.56 9.99 -5.94
N CYS A 184 -21.34 9.17 -6.96
CA CYS A 184 -20.62 7.95 -6.79
C CYS A 184 -19.91 7.57 -8.08
N ASP A 185 -18.74 6.98 -7.93
CA ASP A 185 -17.98 6.51 -9.05
C ASP A 185 -18.04 4.99 -8.97
N ILE A 186 -18.65 4.38 -9.97
CA ILE A 186 -18.87 2.95 -9.98
C ILE A 186 -17.98 2.30 -11.03
N LYS A 187 -17.22 1.28 -10.62
CA LYS A 187 -16.52 0.43 -11.56
C LYS A 187 -17.06 -0.99 -11.45
N THR A 188 -17.39 -1.60 -12.60
CA THR A 188 -17.74 -3.00 -12.66
C THR A 188 -16.85 -3.75 -13.65
N VAL A 189 -16.36 -4.91 -13.24
CA VAL A 189 -15.63 -5.78 -14.16
C VAL A 189 -16.50 -7.03 -14.38
N TYR A 190 -16.77 -7.35 -15.65
CA TYR A 190 -17.67 -8.44 -16.02
C TYR A 190 -16.82 -9.53 -16.65
N ARG A 191 -16.90 -10.74 -16.11
CA ARG A 191 -16.06 -11.88 -16.52
C ARG A 191 -16.88 -13.08 -16.95
N ALA A 192 -16.90 -13.36 -18.25
CA ALA A 192 -17.54 -14.57 -18.75
C ALA A 192 -16.79 -15.75 -18.12
N LYS A 193 -17.55 -16.76 -17.69
CA LYS A 193 -16.93 -17.96 -17.15
C LYS A 193 -16.18 -18.74 -18.25
N LYS A 194 -16.67 -18.65 -19.49
CA LYS A 194 -15.97 -19.24 -20.63
C LYS A 194 -15.42 -18.14 -21.54
N ALA A 195 -14.15 -18.24 -21.94
CA ALA A 195 -13.49 -17.26 -22.80
C ALA A 195 -14.33 -16.84 -24.03
N ALA A 196 -14.61 -15.54 -24.16
CA ALA A 196 -15.40 -15.04 -25.29
C ALA A 196 -14.71 -15.21 -26.65
N LEU A 197 -15.50 -15.39 -27.70
CA LEU A 197 -14.98 -15.54 -29.07
C LEU A 197 -14.76 -14.18 -29.74
N LYS A 198 -15.57 -13.20 -29.38
CA LYS A 198 -15.47 -11.84 -29.89
C LYS A 198 -15.71 -10.91 -28.71
N MET A 199 -15.22 -9.68 -28.81
CA MET A 199 -15.42 -8.67 -27.78
C MET A 199 -16.07 -7.44 -28.40
N PRO A 200 -16.90 -6.72 -27.61
CA PRO A 200 -17.38 -5.44 -28.12
C PRO A 200 -16.24 -4.41 -28.01
N GLY A 201 -16.40 -3.27 -28.65
CA GLY A 201 -15.43 -2.21 -28.52
C GLY A 201 -15.86 -1.25 -27.43
N TYR A 202 -15.37 -0.03 -27.54
CA TYR A 202 -15.65 1.07 -26.64
C TYR A 202 -17.09 1.52 -26.86
N HIS A 203 -17.92 1.42 -25.82
CA HIS A 203 -19.35 1.72 -25.99
C HIS A 203 -19.96 2.12 -24.65
N TYR A 204 -21.26 2.36 -24.64
CA TYR A 204 -21.97 2.89 -23.50
C TYR A 204 -23.21 2.09 -23.25
N VAL A 205 -23.66 2.08 -22.01
CA VAL A 205 -24.96 1.53 -21.67
C VAL A 205 -25.71 2.62 -20.89
N ASP A 206 -26.89 2.98 -21.38
CA ASP A 206 -27.77 3.91 -20.71
C ASP A 206 -28.75 3.10 -19.88
N THR A 207 -28.91 3.46 -18.61
CA THR A 207 -29.76 2.72 -17.71
C THR A 207 -30.66 3.67 -16.94
N LYS A 208 -31.89 3.26 -16.68
CA LYS A 208 -32.75 3.93 -15.74
C LYS A 208 -33.33 2.87 -14.82
N LEU A 209 -33.08 3.00 -13.52
CA LEU A 209 -33.65 2.15 -12.48
C LEU A 209 -34.59 2.96 -11.60
N VAL A 210 -35.80 2.43 -11.39
CA VAL A 210 -36.76 3.10 -10.53
C VAL A 210 -37.41 2.10 -9.57
N ILE A 211 -37.80 2.60 -8.39
CA ILE A 211 -38.61 1.82 -7.47
C ILE A 211 -40.04 1.86 -7.96
N TRP A 212 -40.67 0.70 -8.07
CA TRP A 212 -42.05 0.62 -8.48
C TRP A 212 -43.01 0.45 -7.34
N ASN A 213 -42.54 -0.10 -6.22
CA ASN A 213 -43.40 -0.23 -5.05
C ASN A 213 -42.49 -0.54 -3.87
N ASN A 214 -42.93 -0.21 -2.66
CA ASN A 214 -42.18 -0.51 -1.47
C ASN A 214 -43.09 -0.36 -0.27
N ASP A 215 -42.82 -1.08 0.80
CA ASP A 215 -43.51 -0.77 2.04
C ASP A 215 -42.78 0.34 2.81
N LYS A 216 -43.45 0.85 3.85
CA LYS A 216 -42.96 1.90 4.72
C LYS A 216 -41.46 1.78 5.04
N GLU A 217 -41.09 0.63 5.57
CA GLU A 217 -39.76 0.42 6.12
C GLU A 217 -38.82 -0.18 5.09
N PHE A 218 -39.26 -0.26 3.83
CA PHE A 218 -38.47 -0.88 2.74
C PHE A 218 -38.01 -2.31 3.10
N MET A 219 -38.92 -3.09 3.66
CA MET A 219 -38.67 -4.51 3.91
C MET A 219 -39.03 -5.34 2.69
N LYS A 220 -39.90 -4.78 1.84
CA LYS A 220 -40.29 -5.37 0.56
C LYS A 220 -40.31 -4.27 -0.46
N VAL A 221 -39.63 -4.52 -1.58
CA VAL A 221 -39.45 -3.53 -2.62
C VAL A 221 -39.55 -4.17 -4.00
N GLU A 222 -40.24 -3.47 -4.91
CA GLU A 222 -40.31 -3.84 -6.31
C GLU A 222 -39.59 -2.72 -7.07
N GLU A 223 -38.63 -3.10 -7.91
CA GLU A 223 -37.91 -2.12 -8.68
C GLU A 223 -37.74 -2.59 -10.11
N HIS A 224 -37.61 -1.62 -11.01
CA HIS A 224 -37.62 -1.88 -12.41
C HIS A 224 -36.45 -1.16 -13.08
N GLU A 225 -35.82 -1.85 -14.02
CA GLU A 225 -34.64 -1.37 -14.72
C GLU A 225 -34.86 -1.46 -16.22
N ILE A 226 -34.52 -0.40 -16.95
CA ILE A 226 -34.45 -0.45 -18.39
C ILE A 226 -33.03 -0.06 -18.79
N ALA A 227 -32.45 -0.77 -19.76
CA ALA A 227 -31.04 -0.53 -20.13
C ALA A 227 -30.80 -0.82 -21.61
N VAL A 228 -30.04 0.06 -22.27
CA VAL A 228 -29.80 0.00 -23.70
C VAL A 228 -28.33 0.29 -23.97
N ALA A 229 -27.73 -0.51 -24.86
CA ALA A 229 -26.35 -0.34 -25.25
C ALA A 229 -26.29 0.47 -26.54
N ARG A 230 -25.25 1.27 -26.65
CA ARG A 230 -25.13 2.14 -27.79
C ARG A 230 -23.68 2.59 -27.93
N HIS A 231 -23.35 3.13 -29.10
CA HIS A 231 -22.10 3.82 -29.29
C HIS A 231 -22.25 5.27 -28.88
N HIS A 232 -21.12 5.95 -28.75
CA HIS A 232 -21.13 7.39 -28.52
C HIS A 232 -21.99 8.06 -29.58
N PRO A 233 -22.74 9.12 -29.21
CA PRO A 233 -23.60 9.83 -30.17
C PRO A 233 -22.83 10.32 -31.39
N PHE A 234 -21.56 10.66 -31.24
CA PHE A 234 -20.80 11.19 -32.38
C PHE A 234 -20.18 10.07 -33.19
N TYR A 235 -20.35 8.84 -32.73
CA TYR A 235 -19.77 7.67 -33.41
C TYR A 235 -20.08 7.69 -34.91
N VAL B 18 -12.43 -10.67 30.63
CA VAL B 18 -12.69 -11.47 29.41
C VAL B 18 -11.39 -11.98 28.78
N ILE B 19 -10.39 -11.09 28.72
CA ILE B 19 -9.14 -11.34 28.00
C ILE B 19 -8.10 -11.99 28.91
N LYS B 20 -7.63 -13.16 28.49
CA LYS B 20 -6.64 -13.92 29.24
C LYS B 20 -5.27 -13.78 28.58
N GLU B 21 -4.24 -14.26 29.26
CA GLU B 21 -2.84 -14.10 28.81
C GLU B 21 -2.52 -14.91 27.55
N GLU B 22 -3.21 -16.04 27.39
CA GLU B 22 -3.10 -16.83 26.16
C GLU B 22 -4.50 -17.21 25.74
N MET B 23 -4.81 -16.98 24.47
CA MET B 23 -6.16 -17.17 23.96
C MET B 23 -6.10 -17.81 22.59
N LEU B 24 -7.10 -18.64 22.32
CA LEU B 24 -7.16 -19.39 21.07
C LEU B 24 -7.85 -18.59 19.96
N ILE B 25 -7.58 -18.99 18.71
CA ILE B 25 -8.18 -18.39 17.54
C ILE B 25 -8.82 -19.51 16.72
N ASP B 26 -10.09 -19.33 16.36
CA ASP B 26 -10.76 -20.15 15.36
C ASP B 26 -11.20 -19.20 14.26
N LEU B 27 -10.79 -19.48 13.03
CA LEU B 27 -11.17 -18.58 11.94
C LEU B 27 -11.70 -19.25 10.66
N HIS B 28 -12.58 -18.52 9.98
CA HIS B 28 -13.08 -18.95 8.69
C HIS B 28 -13.08 -17.74 7.76
N LEU B 29 -12.57 -17.95 6.55
CA LEU B 29 -12.60 -16.93 5.54
C LEU B 29 -13.35 -17.46 4.33
N GLU B 30 -14.31 -16.66 3.86
CA GLU B 30 -15.03 -16.90 2.60
C GLU B 30 -14.66 -15.74 1.70
N GLY B 31 -14.34 -16.02 0.44
CA GLY B 31 -13.92 -14.94 -0.45
C GLY B 31 -14.06 -15.18 -1.94
N THR B 32 -14.02 -14.10 -2.71
CA THR B 32 -13.80 -14.23 -4.15
C THR B 32 -12.62 -13.35 -4.53
N PHE B 33 -11.87 -13.79 -5.54
CA PHE B 33 -10.78 -13.01 -6.09
C PHE B 33 -10.95 -13.03 -7.59
N ASN B 34 -11.16 -11.85 -8.20
CA ASN B 34 -11.48 -11.77 -9.63
C ASN B 34 -12.49 -12.85 -10.05
N GLY B 35 -13.56 -13.03 -9.28
CA GLY B 35 -14.62 -13.98 -9.63
C GLY B 35 -14.46 -15.41 -9.13
N HIS B 36 -13.30 -15.75 -8.59
CA HIS B 36 -12.98 -17.11 -8.15
C HIS B 36 -13.28 -17.23 -6.66
N TYR B 37 -14.21 -18.11 -6.33
CA TYR B 37 -14.60 -18.37 -4.95
C TYR B 37 -13.58 -19.28 -4.25
N PHE B 38 -13.32 -18.99 -2.98
CA PHE B 38 -12.45 -19.83 -2.16
C PHE B 38 -12.81 -19.71 -0.68
N GLU B 39 -12.46 -20.73 0.09
CA GLU B 39 -12.65 -20.69 1.53
C GLU B 39 -11.36 -21.14 2.19
N ILE B 40 -11.10 -20.54 3.33
CA ILE B 40 -9.94 -20.89 4.14
C ILE B 40 -10.38 -21.02 5.59
N LYS B 41 -9.92 -22.08 6.23
CA LYS B 41 -10.16 -22.25 7.64
C LYS B 41 -8.83 -22.24 8.35
N GLY B 42 -8.81 -21.68 9.54
CA GLY B 42 -7.65 -21.81 10.37
C GLY B 42 -7.90 -21.71 11.84
N LYS B 43 -6.81 -21.85 12.58
CA LYS B 43 -6.83 -21.77 14.02
C LYS B 43 -5.46 -21.35 14.53
N GLY B 44 -5.43 -20.91 15.77
CA GLY B 44 -4.19 -20.48 16.36
C GLY B 44 -4.38 -20.07 17.79
N LYS B 45 -3.46 -19.23 18.24
CA LYS B 45 -3.44 -18.75 19.61
C LYS B 45 -2.50 -17.58 19.67
N GLY B 46 -2.66 -16.78 20.71
CA GLY B 46 -1.88 -15.58 20.86
C GLY B 46 -1.83 -15.15 22.30
N GLN B 47 -1.03 -14.13 22.53
CA GLN B 47 -0.85 -13.55 23.85
C GLN B 47 -1.22 -12.08 23.70
N PRO B 48 -2.49 -11.76 23.99
CA PRO B 48 -3.05 -10.42 23.67
C PRO B 48 -2.22 -9.27 24.26
N ASN B 49 -1.69 -9.47 25.46
CA ASN B 49 -0.87 -8.46 26.12
C ASN B 49 0.57 -8.41 25.63
N GLU B 50 1.07 -9.53 25.12
CA GLU B 50 2.42 -9.58 24.55
C GLU B 50 2.42 -9.05 23.11
N GLY B 51 1.24 -8.97 22.51
CA GLY B 51 1.11 -8.46 21.15
C GLY B 51 1.53 -9.45 20.08
N THR B 52 1.44 -10.74 20.39
CA THR B 52 1.81 -11.77 19.41
C THR B 52 0.67 -12.76 19.18
N ASN B 53 0.66 -13.34 17.99
CA ASN B 53 -0.26 -14.41 17.64
C ASN B 53 0.24 -15.20 16.43
N THR B 54 -0.08 -16.49 16.43
CA THR B 54 0.26 -17.38 15.36
C THR B 54 -1.05 -18.01 14.86
N VAL B 55 -1.18 -18.12 13.54
CA VAL B 55 -2.30 -18.84 12.95
C VAL B 55 -1.82 -19.82 11.90
N THR B 56 -2.56 -20.94 11.79
CA THR B 56 -2.32 -21.95 10.78
C THR B 56 -3.58 -22.08 9.94
N LEU B 57 -3.42 -21.96 8.62
CA LEU B 57 -4.52 -21.88 7.68
C LEU B 57 -4.45 -23.03 6.68
N GLU B 58 -5.63 -23.53 6.32
CA GLU B 58 -5.78 -24.53 5.26
C GLU B 58 -6.85 -24.05 4.28
N VAL B 59 -6.52 -24.07 2.98
CA VAL B 59 -7.47 -23.75 1.92
C VAL B 59 -8.41 -24.96 1.81
N THR B 60 -9.69 -24.74 2.11
CA THR B 60 -10.69 -25.81 2.17
C THR B 60 -11.60 -25.86 0.95
N LYS B 61 -11.38 -24.95 0.00
CA LYS B 61 -12.30 -24.71 -1.12
C LYS B 61 -11.63 -23.76 -2.12
N GLY B 62 -11.59 -24.16 -3.39
CA GLY B 62 -11.13 -23.30 -4.47
C GLY B 62 -9.62 -23.16 -4.56
N GLY B 63 -8.89 -24.10 -3.97
CA GLY B 63 -7.43 -24.15 -4.06
C GLY B 63 -6.95 -25.15 -5.09
N PRO B 64 -5.67 -25.07 -5.49
CA PRO B 64 -4.73 -23.98 -5.15
C PRO B 64 -5.19 -22.64 -5.69
N LEU B 65 -5.04 -21.61 -4.86
CA LEU B 65 -5.52 -20.27 -5.19
C LEU B 65 -4.84 -19.72 -6.44
N PRO B 66 -5.62 -19.13 -7.36
CA PRO B 66 -5.06 -18.57 -8.59
C PRO B 66 -4.47 -17.16 -8.40
N PHE B 67 -3.84 -16.93 -7.24
CA PHE B 67 -3.23 -15.64 -6.92
C PHE B 67 -2.30 -15.81 -5.74
N GLY B 68 -1.40 -14.84 -5.53
CA GLY B 68 -0.42 -14.94 -4.46
C GLY B 68 -1.08 -14.90 -3.10
N TRP B 69 -0.59 -15.72 -2.19
CA TRP B 69 -1.13 -15.85 -0.84
C TRP B 69 -1.19 -14.55 -0.04
N HIS B 70 -0.14 -13.73 -0.18
CA HIS B 70 0.15 -12.69 0.79
C HIS B 70 -0.91 -11.63 1.02
N ILE B 71 -1.72 -11.33 0.00
CA ILE B 71 -2.79 -10.34 0.20
C ILE B 71 -3.80 -10.76 1.27
N LEU B 72 -3.87 -12.06 1.56
CA LEU B 72 -4.77 -12.57 2.57
C LEU B 72 -4.23 -12.45 4.01
N CYS B 73 -2.91 -12.34 4.14
CA CYS B 73 -2.28 -12.44 5.47
C CYS B 73 -2.90 -11.55 6.52
N PRO B 74 -3.09 -10.25 6.22
CA PRO B 74 -3.63 -9.32 7.21
C PRO B 74 -5.07 -9.60 7.58
N GLN B 75 -5.78 -10.38 6.76
CA GLN B 75 -7.17 -10.67 7.05
C GLN B 75 -7.28 -11.74 8.13
N PHE B 76 -6.31 -12.66 8.12
CA PHE B 76 -6.24 -13.73 9.11
C PHE B 76 -5.75 -13.15 10.43
N ASN B 78 -6.93 -9.40 14.06
CA ASN B 78 -7.61 -9.06 15.30
C ASN B 78 -6.65 -8.30 16.15
N LYS B 79 -6.80 -6.99 16.09
CA LYS B 79 -5.93 -6.08 16.81
C LYS B 79 -6.19 -6.08 18.33
N ALA B 80 -6.89 -7.12 18.81
CA ALA B 80 -6.91 -7.40 20.23
C ALA B 80 -5.56 -8.00 20.64
N PHE B 81 -4.80 -8.47 19.65
CA PHE B 81 -3.47 -9.01 19.84
C PHE B 81 -2.39 -7.96 19.56
N VAL B 82 -2.58 -6.76 20.12
CA VAL B 82 -1.60 -5.68 20.06
C VAL B 82 -1.26 -5.29 21.48
N HIS B 83 0.04 -5.16 21.75
CA HIS B 83 0.51 -4.71 23.04
C HIS B 83 0.22 -3.22 23.20
N HIS B 84 -0.55 -2.89 24.23
CA HIS B 84 -0.85 -1.50 24.57
C HIS B 84 -0.20 -1.08 25.90
N PRO B 85 0.62 0.00 25.87
CA PRO B 85 1.14 0.55 27.12
C PRO B 85 0.02 1.13 27.97
N ASP B 86 0.30 1.41 29.24
CA ASP B 86 -0.69 1.91 30.20
C ASP B 86 -1.43 3.17 29.74
N ASN B 87 -0.79 3.97 28.88
CA ASN B 87 -1.32 5.30 28.53
C ASN B 87 -2.11 5.39 27.22
N ILE B 88 -2.30 4.25 26.55
CA ILE B 88 -3.14 4.19 25.35
C ILE B 88 -4.35 3.28 25.58
N HIS B 89 -5.53 3.90 25.65
CA HIS B 89 -6.78 3.18 25.87
C HIS B 89 -6.93 2.08 24.83
N ASP B 90 -7.18 0.86 25.30
CA ASP B 90 -7.25 -0.32 24.43
C ASP B 90 -8.71 -0.60 24.07
N TYR B 91 -9.19 0.17 23.11
CA TYR B 91 -10.55 0.09 22.59
C TYR B 91 -10.98 -1.36 22.27
N LEU B 92 -10.10 -2.07 21.57
CA LEU B 92 -10.40 -3.41 21.07
C LEU B 92 -10.44 -4.51 22.14
N LYS B 93 -9.55 -4.45 23.13
CA LYS B 93 -9.67 -5.41 24.25
C LYS B 93 -10.91 -5.11 25.07
N LEU B 94 -11.20 -3.82 25.26
CA LEU B 94 -12.32 -3.39 26.09
C LEU B 94 -13.69 -3.54 25.42
N SER B 95 -13.70 -3.92 24.14
CA SER B 95 -14.95 -4.23 23.43
C SER B 95 -15.52 -5.57 23.86
N PHE B 96 -14.65 -6.43 24.40
CA PHE B 96 -15.03 -7.76 24.82
C PHE B 96 -15.63 -7.75 26.22
N PRO B 97 -16.52 -8.71 26.53
CA PRO B 97 -16.88 -9.93 25.79
C PRO B 97 -17.76 -9.77 24.55
N GLU B 98 -18.46 -8.64 24.41
CA GLU B 98 -19.42 -8.44 23.31
C GLU B 98 -18.75 -8.58 21.94
N GLY B 99 -17.54 -8.04 21.82
CA GLY B 99 -16.74 -8.18 20.61
C GLY B 99 -16.78 -6.95 19.72
N TYR B 100 -16.23 -7.08 18.53
CA TYR B 100 -16.22 -5.99 17.56
C TYR B 100 -16.20 -6.50 16.13
N THR B 101 -16.48 -5.60 15.19
CA THR B 101 -16.32 -5.89 13.78
C THR B 101 -15.29 -4.94 13.19
N TRP B 102 -14.57 -5.42 12.18
CA TRP B 102 -13.81 -4.49 11.37
C TRP B 102 -14.13 -4.63 9.89
N GLU B 103 -13.85 -3.55 9.16
CA GLU B 103 -14.16 -3.43 7.74
C GLU B 103 -12.95 -2.76 7.12
N ARG B 104 -12.44 -3.32 6.04
CA ARG B 104 -11.15 -2.88 5.53
C ARG B 104 -11.17 -2.78 4.02
N SER B 105 -10.50 -1.75 3.51
CA SER B 105 -10.25 -1.63 2.09
C SER B 105 -8.75 -1.65 1.85
N MET B 106 -8.33 -2.26 0.75
CA MET B 106 -6.94 -2.29 0.36
C MET B 106 -6.84 -1.87 -1.10
N HIS B 107 -6.36 -0.65 -1.34
CA HIS B 107 -6.18 -0.14 -2.69
C HIS B 107 -4.73 -0.34 -3.10
N PHE B 108 -4.49 -1.14 -4.13
CA PHE B 108 -3.14 -1.43 -4.56
C PHE B 108 -2.79 -0.53 -5.72
N GLU B 109 -1.49 -0.37 -5.93
CA GLU B 109 -0.99 0.65 -6.83
C GLU B 109 -1.30 0.37 -8.30
N ASP B 110 -1.68 -0.87 -8.62
CA ASP B 110 -2.00 -1.22 -10.00
C ASP B 110 -3.52 -1.34 -10.23
N GLY B 111 -4.32 -0.83 -9.29
CA GLY B 111 -5.78 -0.84 -9.43
C GLY B 111 -6.51 -1.97 -8.73
N GLY B 112 -5.79 -2.99 -8.28
CA GLY B 112 -6.45 -4.04 -7.50
C GLY B 112 -7.07 -3.46 -6.24
N LEU B 113 -8.22 -3.99 -5.85
CA LEU B 113 -8.87 -3.53 -4.66
C LEU B 113 -9.41 -4.71 -3.88
N CYS B 114 -9.14 -4.72 -2.58
CA CYS B 114 -9.71 -5.70 -1.68
C CYS B 114 -10.61 -5.03 -0.69
N CYS B 115 -11.74 -5.67 -0.43
CA CYS B 115 -12.66 -5.20 0.56
C CYS B 115 -12.92 -6.39 1.49
N ILE B 116 -12.65 -6.23 2.78
CA ILE B 116 -12.65 -7.37 3.71
C ILE B 116 -13.35 -6.94 4.98
N THR B 117 -14.14 -7.83 5.55
CA THR B 117 -14.76 -7.62 6.86
C THR B 117 -14.43 -8.79 7.79
N ASN B 118 -14.47 -8.52 9.08
CA ASN B 118 -14.34 -9.57 10.09
C ASN B 118 -15.24 -9.23 11.24
N ASP B 119 -16.03 -10.22 11.66
CA ASP B 119 -16.86 -10.12 12.84
C ASP B 119 -16.19 -11.04 13.85
N ILE B 120 -15.74 -10.48 14.97
CA ILE B 120 -15.02 -11.24 15.98
C ILE B 120 -15.83 -11.38 17.25
N SER B 121 -15.98 -12.63 17.69
CA SER B 121 -16.73 -12.88 18.90
C SER B 121 -15.85 -13.66 19.88
N LEU B 122 -16.28 -13.71 21.13
CA LEU B 122 -15.54 -14.42 22.16
C LEU B 122 -16.45 -15.38 22.90
N THR B 123 -16.12 -16.67 22.80
CA THR B 123 -16.72 -17.71 23.63
C THR B 123 -15.61 -18.41 24.41
N GLY B 124 -15.73 -18.38 25.74
CA GLY B 124 -14.70 -18.86 26.64
C GLY B 124 -13.33 -18.24 26.38
N ASN B 125 -12.39 -19.11 26.00
CA ASN B 125 -10.98 -18.78 25.83
C ASN B 125 -10.62 -18.50 24.36
N CYS B 126 -11.61 -18.57 23.47
CA CYS B 126 -11.32 -18.61 22.04
C CYS B 126 -12.03 -17.55 21.20
N PHE B 127 -11.23 -16.77 20.46
CA PHE B 127 -11.72 -15.82 19.47
C PHE B 127 -12.22 -16.53 18.22
N TYR B 128 -13.34 -16.06 17.67
CA TYR B 128 -13.90 -16.61 16.45
C TYR B 128 -13.98 -15.50 15.41
N TYR B 129 -13.25 -15.66 14.31
CA TYR B 129 -13.26 -14.72 13.18
C TYR B 129 -14.18 -15.23 12.08
N ASP B 130 -15.06 -14.35 11.61
CA ASP B 130 -15.91 -14.63 10.45
C ASP B 130 -15.58 -13.60 9.37
N ILE B 131 -14.68 -14.01 8.48
CA ILE B 131 -14.04 -13.10 7.53
C ILE B 131 -14.63 -13.25 6.14
N LYS B 132 -14.94 -12.10 5.53
CA LYS B 132 -15.50 -12.04 4.18
C LYS B 132 -14.52 -11.23 3.34
N PHE B 133 -14.07 -11.79 2.23
CA PHE B 133 -13.03 -11.17 1.39
C PHE B 133 -13.58 -11.04 -0.03
N THR B 134 -13.33 -9.89 -0.65
CA THR B 134 -13.59 -9.65 -2.07
C THR B 134 -12.34 -8.98 -2.62
N GLY B 135 -11.75 -9.59 -3.65
CA GLY B 135 -10.60 -9.02 -4.33
C GLY B 135 -11.08 -8.83 -5.75
N LEU B 136 -10.95 -7.61 -6.25
CA LEU B 136 -11.46 -7.27 -7.57
C LEU B 136 -10.51 -6.38 -8.34
N ASN B 137 -10.62 -6.41 -9.66
CA ASN B 137 -9.82 -5.54 -10.56
C ASN B 137 -8.30 -5.73 -10.50
N PHE B 138 -7.86 -6.93 -10.15
CA PHE B 138 -6.42 -7.21 -10.16
C PHE B 138 -6.03 -7.57 -11.59
N PRO B 139 -5.01 -6.89 -12.13
CA PRO B 139 -4.62 -7.13 -13.51
C PRO B 139 -3.91 -8.49 -13.67
N PRO B 140 -4.00 -9.10 -14.87
CA PRO B 140 -3.49 -10.47 -15.05
C PRO B 140 -1.99 -10.58 -14.89
N ASN B 141 -1.29 -9.54 -15.32
CA ASN B 141 0.16 -9.49 -15.32
C ASN B 141 0.76 -8.87 -14.04
N GLY B 142 -0.11 -8.45 -13.11
CA GLY B 142 0.35 -7.89 -11.84
C GLY B 142 0.91 -8.96 -10.91
N PRO B 143 1.66 -8.55 -9.87
CA PRO B 143 2.36 -9.49 -8.99
C PRO B 143 1.45 -10.37 -8.16
N VAL B 144 0.20 -9.94 -7.93
CA VAL B 144 -0.74 -10.76 -7.15
C VAL B 144 -1.18 -11.97 -7.96
N VAL B 145 -1.73 -11.73 -9.15
CA VAL B 145 -2.15 -12.83 -10.03
C VAL B 145 -0.95 -13.70 -10.42
N GLN B 146 0.16 -13.06 -10.78
CA GLN B 146 1.37 -13.78 -11.23
C GLN B 146 2.11 -14.52 -10.10
N LYS B 147 1.66 -14.30 -8.87
CA LYS B 147 2.20 -14.96 -7.68
C LYS B 147 3.65 -14.55 -7.41
N LYS B 148 3.91 -13.25 -7.56
CA LYS B 148 5.24 -12.70 -7.41
C LYS B 148 5.44 -11.99 -6.07
N THR B 149 4.43 -12.02 -5.21
CA THR B 149 4.60 -11.45 -3.87
C THR B 149 5.40 -12.42 -3.00
N THR B 150 6.27 -11.88 -2.16
CA THR B 150 7.16 -12.71 -1.32
C THR B 150 6.96 -12.46 0.17
N GLY B 151 6.06 -11.55 0.52
CA GLY B 151 5.81 -11.22 1.92
C GLY B 151 5.38 -9.78 2.09
N TRP B 152 5.30 -9.34 3.34
CA TRP B 152 4.94 -7.97 3.66
C TRP B 152 6.14 -7.34 4.36
N GLU B 153 6.33 -6.04 4.15
CA GLU B 153 7.21 -5.25 5.00
C GLU B 153 6.52 -5.13 6.35
N PRO B 154 7.27 -4.87 7.42
CA PRO B 154 6.51 -4.44 8.60
C PRO B 154 5.77 -3.11 8.33
N SER B 155 4.80 -2.77 9.18
CA SER B 155 3.93 -1.66 8.89
C SER B 155 3.72 -0.76 10.08
N THR B 156 3.29 0.45 9.78
CA THR B 156 2.89 1.39 10.80
C THR B 156 1.52 1.92 10.41
N GLU B 157 0.55 1.60 11.25
CA GLU B 157 -0.82 2.06 11.09
C GLU B 157 -0.98 3.32 11.93
N ARG B 158 -1.55 4.37 11.33
CA ARG B 158 -1.96 5.56 12.08
C ARG B 158 -3.44 5.41 12.43
N LEU B 159 -3.76 5.59 13.72
CA LEU B 159 -5.14 5.41 14.17
C LEU B 159 -5.65 6.63 14.91
N TYR B 160 -6.93 6.94 14.72
CA TYR B 160 -7.57 8.05 15.42
C TYR B 160 -9.03 7.70 15.70
N PRO B 161 -9.61 8.28 16.76
CA PRO B 161 -11.01 8.02 17.07
C PRO B 161 -11.94 8.94 16.28
N ARG B 162 -13.10 8.42 15.90
CA ARG B 162 -14.20 9.24 15.40
C ARG B 162 -15.55 8.57 15.56
N ASP B 163 -16.52 9.34 16.07
CA ASP B 163 -17.91 8.88 16.23
C ASP B 163 -17.97 7.60 17.07
N GLY B 164 -17.04 7.47 18.01
CA GLY B 164 -16.97 6.30 18.88
C GLY B 164 -16.44 5.04 18.22
N VAL B 165 -15.87 5.18 17.03
CA VAL B 165 -15.18 4.07 16.37
C VAL B 165 -13.72 4.43 16.10
N LEU B 166 -12.91 3.45 15.72
CA LEU B 166 -11.49 3.65 15.52
C LEU B 166 -11.16 3.48 14.05
N ILE B 167 -10.44 4.45 13.50
CA ILE B 167 -10.04 4.44 12.11
C ILE B 167 -8.55 4.30 12.00
N GLY B 168 -8.11 3.33 11.19
CA GLY B 168 -6.70 3.07 11.01
C GLY B 168 -6.33 3.09 9.55
N ASP B 169 -5.19 3.69 9.24
CA ASP B 169 -4.75 3.77 7.86
C ASP B 169 -3.30 3.33 7.75
N ILE B 170 -2.99 2.53 6.73
CA ILE B 170 -1.61 2.10 6.54
C ILE B 170 -1.15 2.32 5.13
N HIS B 171 0.03 2.91 5.01
CA HIS B 171 0.77 2.87 3.77
C HIS B 171 1.71 1.68 3.81
N HIS B 172 1.23 0.59 3.22
CA HIS B 172 1.86 -0.71 3.33
C HIS B 172 2.54 -1.07 2.02
N ALA B 173 3.23 -2.22 2.01
CA ALA B 173 3.83 -2.73 0.79
C ALA B 173 4.13 -4.21 0.92
N LEU B 174 3.91 -4.93 -0.18
CA LEU B 174 4.39 -6.29 -0.32
C LEU B 174 5.73 -6.22 -1.00
N THR B 175 6.62 -7.13 -0.63
CA THR B 175 7.86 -7.30 -1.37
C THR B 175 7.55 -8.17 -2.59
N VAL B 176 8.38 -8.07 -3.61
CA VAL B 176 8.10 -8.69 -4.91
C VAL B 176 9.35 -9.44 -5.39
N GLU B 177 9.15 -10.55 -6.11
CA GLU B 177 10.28 -11.34 -6.64
C GLU B 177 11.18 -10.49 -7.53
N GLY B 178 12.48 -10.62 -7.34
CA GLY B 178 13.45 -9.81 -8.08
C GLY B 178 13.83 -8.54 -7.36
N GLY B 179 13.09 -8.22 -6.30
CA GLY B 179 13.29 -6.98 -5.56
C GLY B 179 12.19 -5.98 -5.81
N GLY B 180 12.21 -4.89 -5.05
CA GLY B 180 11.18 -3.88 -5.18
C GLY B 180 9.89 -4.22 -4.45
N HIS B 181 8.93 -3.31 -4.57
CA HIS B 181 7.76 -3.32 -3.73
C HIS B 181 6.48 -3.18 -4.54
N TYR B 182 5.39 -3.60 -3.91
CA TYR B 182 4.05 -3.45 -4.47
C TYR B 182 3.21 -2.76 -3.40
N ALA B 183 2.91 -1.48 -3.62
CA ALA B 183 2.37 -0.65 -2.56
C ALA B 183 0.87 -0.79 -2.43
N CYS B 184 0.41 -0.58 -1.20
CA CYS B 184 -1.00 -0.61 -0.94
C CYS B 184 -1.37 0.40 0.15
N ASP B 185 -2.58 0.93 0.01
CA ASP B 185 -3.14 1.85 0.98
C ASP B 185 -4.28 1.11 1.62
N ILE B 186 -4.19 0.95 2.94
CA ILE B 186 -5.13 0.14 3.68
C ILE B 186 -5.86 1.03 4.66
N LYS B 187 -7.18 0.97 4.64
CA LYS B 187 -7.98 1.63 5.67
C LYS B 187 -8.78 0.58 6.40
N THR B 188 -8.76 0.63 7.73
CA THR B 188 -9.62 -0.24 8.54
C THR B 188 -10.43 0.61 9.52
N VAL B 189 -11.73 0.32 9.60
CA VAL B 189 -12.61 0.92 10.60
C VAL B 189 -13.03 -0.19 11.57
N TYR B 190 -12.75 0.03 12.85
CA TYR B 190 -13.00 -0.95 13.91
C TYR B 190 -14.18 -0.44 14.72
N ARG B 191 -15.21 -1.28 14.85
CA ARG B 191 -16.45 -0.93 15.54
C ARG B 191 -16.76 -1.86 16.72
N ALA B 192 -16.61 -1.37 17.95
CA ALA B 192 -17.07 -2.11 19.12
C ALA B 192 -18.59 -2.28 19.05
N LYS B 193 -19.07 -3.44 19.48
CA LYS B 193 -20.50 -3.77 19.41
C LYS B 193 -21.30 -3.06 20.51
N LYS B 194 -20.70 -2.93 21.68
CA LYS B 194 -21.24 -2.07 22.73
C LYS B 194 -20.48 -0.73 22.74
N ALA B 195 -21.20 0.38 22.87
CA ALA B 195 -20.60 1.72 22.85
C ALA B 195 -19.49 1.85 23.87
N ALA B 196 -18.37 2.46 23.46
CA ALA B 196 -17.23 2.63 24.34
C ALA B 196 -17.34 3.92 25.15
N LEU B 197 -17.18 3.78 26.47
CA LEU B 197 -17.18 4.94 27.39
C LEU B 197 -15.82 5.62 27.48
N LYS B 198 -14.84 5.10 26.73
CA LYS B 198 -13.49 5.66 26.68
C LYS B 198 -12.87 5.41 25.30
N MET B 199 -12.35 6.47 24.71
CA MET B 199 -11.67 6.36 23.42
C MET B 199 -10.21 6.75 23.53
N PRO B 200 -9.33 6.06 22.77
CA PRO B 200 -7.92 6.47 22.70
C PRO B 200 -7.80 7.70 21.79
N GLY B 201 -6.64 8.35 21.80
CA GLY B 201 -6.41 9.48 20.90
C GLY B 201 -5.69 9.03 19.64
N TYR B 202 -5.05 10.00 18.99
CA TYR B 202 -4.20 9.81 17.82
C TYR B 202 -2.98 8.97 18.21
N HIS B 203 -2.72 7.89 17.48
CA HIS B 203 -1.58 7.02 17.80
C HIS B 203 -1.28 6.02 16.68
N TYR B 204 -0.33 5.13 16.92
CA TYR B 204 0.16 4.21 15.91
C TYR B 204 0.21 2.77 16.39
N VAL B 205 0.13 1.83 15.45
CA VAL B 205 0.42 0.44 15.74
C VAL B 205 1.52 0.00 14.77
N ASP B 206 2.60 -0.53 15.32
CA ASP B 206 3.67 -1.14 14.53
C ASP B 206 3.45 -2.64 14.50
N THR B 207 3.43 -3.20 13.28
CA THR B 207 3.19 -4.63 13.06
C THR B 207 4.28 -5.25 12.18
N LYS B 208 4.61 -6.51 12.45
CA LYS B 208 5.47 -7.31 11.61
C LYS B 208 4.76 -8.65 11.37
N LEU B 209 4.47 -8.94 10.11
CA LEU B 209 3.86 -10.20 9.74
C LEU B 209 4.78 -11.02 8.83
N VAL B 210 4.99 -12.28 9.21
CA VAL B 210 5.89 -13.20 8.52
C VAL B 210 5.16 -14.53 8.22
N ILE B 211 5.40 -15.07 7.03
CA ILE B 211 5.07 -16.46 6.70
C ILE B 211 6.13 -17.37 7.32
N TRP B 212 5.73 -18.24 8.25
CA TRP B 212 6.66 -19.13 8.93
C TRP B 212 6.91 -20.42 8.18
N ASN B 213 5.88 -20.95 7.55
CA ASN B 213 5.98 -22.12 6.69
C ASN B 213 4.80 -22.19 5.73
N ASN B 214 5.02 -22.83 4.58
CA ASN B 214 4.00 -23.10 3.56
C ASN B 214 4.38 -24.30 2.73
N ASP B 215 3.41 -25.00 2.16
CA ASP B 215 3.71 -25.98 1.12
C ASP B 215 3.86 -25.28 -0.24
N LYS B 216 4.35 -26.02 -1.23
CA LYS B 216 4.64 -25.47 -2.56
C LYS B 216 3.50 -24.69 -3.19
N GLU B 217 2.27 -25.14 -2.98
CA GLU B 217 1.09 -24.52 -3.59
C GLU B 217 0.30 -23.62 -2.63
N PHE B 218 0.87 -23.38 -1.44
CA PHE B 218 0.24 -22.52 -0.41
C PHE B 218 -1.15 -22.98 -0.01
N MET B 219 -1.33 -24.28 0.13
CA MET B 219 -2.60 -24.86 0.59
C MET B 219 -2.64 -24.91 2.13
N LYS B 220 -1.45 -24.89 2.73
CA LYS B 220 -1.33 -24.87 4.18
C LYS B 220 -0.24 -23.87 4.55
N VAL B 221 -0.60 -22.91 5.40
CA VAL B 221 0.28 -21.81 5.75
C VAL B 221 0.23 -21.55 7.25
N GLU B 222 1.41 -21.35 7.82
CA GLU B 222 1.53 -20.86 9.19
C GLU B 222 2.15 -19.46 9.15
N GLU B 223 1.55 -18.51 9.88
CA GLU B 223 2.05 -17.14 9.94
C GLU B 223 2.03 -16.57 11.36
N HIS B 224 3.01 -15.73 11.66
CA HIS B 224 3.16 -15.06 12.95
C HIS B 224 3.05 -13.53 12.80
N GLU B 225 2.48 -12.89 13.81
CA GLU B 225 2.28 -11.45 13.84
C GLU B 225 2.69 -10.92 15.20
N ILE B 226 3.51 -9.88 15.22
CA ILE B 226 3.79 -9.11 16.44
C ILE B 226 3.29 -7.67 16.20
N ALA B 227 2.61 -7.10 17.19
CA ALA B 227 2.05 -5.75 17.03
C ALA B 227 2.07 -5.01 18.36
N VAL B 228 2.49 -3.75 18.30
CA VAL B 228 2.62 -2.87 19.46
C VAL B 228 2.01 -1.51 19.13
N ALA B 229 1.22 -0.97 20.05
CA ALA B 229 0.67 0.37 19.95
C ALA B 229 1.66 1.36 20.58
N ARG B 230 1.70 2.58 20.07
CA ARG B 230 2.54 3.64 20.64
C ARG B 230 2.06 4.98 20.13
N HIS B 231 2.43 6.03 20.84
CA HIS B 231 2.31 7.39 20.33
C HIS B 231 3.44 7.66 19.33
N HIS B 232 3.29 8.71 18.53
CA HIS B 232 4.36 9.19 17.68
C HIS B 232 5.60 9.45 18.54
N PRO B 233 6.81 9.19 18.01
CA PRO B 233 8.06 9.52 18.72
C PRO B 233 8.19 10.96 19.23
N PHE B 234 7.59 11.93 18.54
CA PHE B 234 7.65 13.33 18.94
C PHE B 234 6.40 13.78 19.70
N TYR B 235 5.64 12.81 20.21
CA TYR B 235 4.48 13.08 21.07
C TYR B 235 4.91 13.80 22.35
N SER C 17 -26.09 38.40 -26.34
CA SER C 17 -25.15 38.64 -25.22
C SER C 17 -23.74 39.03 -25.70
N VAL C 18 -22.80 38.95 -24.75
CA VAL C 18 -21.39 39.11 -25.05
C VAL C 18 -20.85 37.87 -25.75
N ILE C 19 -21.60 36.77 -25.68
CA ILE C 19 -21.21 35.55 -26.37
C ILE C 19 -21.67 35.68 -27.81
N LYS C 20 -20.71 35.66 -28.73
CA LYS C 20 -21.04 35.83 -30.13
C LYS C 20 -20.94 34.47 -30.82
N GLU C 21 -21.51 34.39 -32.03
CA GLU C 21 -21.49 33.18 -32.86
C GLU C 21 -20.08 32.74 -33.26
N GLU C 22 -19.16 33.69 -33.34
CA GLU C 22 -17.75 33.40 -33.61
C GLU C 22 -16.93 34.17 -32.57
N MET C 23 -16.06 33.45 -31.88
CA MET C 23 -15.17 34.09 -30.91
C MET C 23 -13.75 33.60 -31.02
N LEU C 24 -12.79 34.43 -30.63
CA LEU C 24 -11.38 34.08 -30.65
C LEU C 24 -10.93 33.49 -29.32
N ILE C 25 -9.75 32.88 -29.34
CA ILE C 25 -9.17 32.20 -28.20
C ILE C 25 -7.68 32.55 -28.17
N ASP C 26 -7.18 32.92 -26.99
CA ASP C 26 -5.76 33.16 -26.71
C ASP C 26 -5.43 32.33 -25.48
N LEU C 27 -4.45 31.44 -25.59
CA LEU C 27 -4.22 30.45 -24.51
C LEU C 27 -2.80 30.60 -24.00
N HIS C 28 -2.63 30.44 -22.69
CA HIS C 28 -1.33 30.32 -22.07
C HIS C 28 -1.35 29.13 -21.12
N LEU C 29 -0.36 28.25 -21.22
CA LEU C 29 -0.25 27.10 -20.32
C LEU C 29 1.13 27.01 -19.75
N GLU C 30 1.21 26.90 -18.43
CA GLU C 30 2.48 26.70 -17.74
C GLU C 30 2.30 25.36 -17.05
N GLY C 31 3.31 24.50 -17.14
CA GLY C 31 3.08 23.17 -16.61
C GLY C 31 4.34 22.52 -16.13
N THR C 32 4.16 21.49 -15.33
CA THR C 32 5.25 20.65 -14.91
C THR C 32 4.77 19.22 -15.15
N PHE C 33 5.63 18.37 -15.70
CA PHE C 33 5.28 16.95 -15.84
C PHE C 33 6.44 16.09 -15.35
N ASN C 34 6.16 15.26 -14.34
CA ASN C 34 7.18 14.48 -13.64
C ASN C 34 8.41 15.37 -13.35
N GLY C 35 8.13 16.60 -12.91
CA GLY C 35 9.17 17.58 -12.57
C GLY C 35 9.74 18.40 -13.73
N HIS C 36 9.30 18.11 -14.95
CA HIS C 36 9.84 18.81 -16.11
C HIS C 36 8.94 20.01 -16.45
N TYR C 37 9.52 21.21 -16.43
CA TYR C 37 8.77 22.43 -16.71
C TYR C 37 8.61 22.68 -18.21
N PHE C 38 7.43 23.18 -18.60
CA PHE C 38 7.20 23.56 -19.99
C PHE C 38 6.13 24.64 -20.09
N GLU C 39 6.15 25.38 -21.19
CA GLU C 39 5.14 26.38 -21.46
C GLU C 39 4.63 26.15 -22.86
N ILE C 40 3.36 26.43 -23.05
CA ILE C 40 2.74 26.32 -24.35
C ILE C 40 1.90 27.56 -24.55
N LYS C 41 2.02 28.15 -25.73
CA LYS C 41 1.16 29.25 -26.15
C LYS C 41 0.25 28.76 -27.26
N GLY C 42 -0.96 29.32 -27.33
CA GLY C 42 -1.87 28.98 -28.39
C GLY C 42 -2.79 30.10 -28.82
N LYS C 43 -3.40 29.92 -29.98
CA LYS C 43 -4.49 30.79 -30.37
C LYS C 43 -5.51 29.99 -31.17
N GLY C 44 -6.74 30.48 -31.20
CA GLY C 44 -7.78 29.77 -31.92
C GLY C 44 -9.04 30.57 -32.13
N LYS C 45 -10.12 29.85 -32.41
CA LYS C 45 -11.38 30.44 -32.83
C LYS C 45 -12.42 29.36 -32.70
N GLY C 46 -13.61 29.75 -32.27
CA GLY C 46 -14.66 28.78 -32.09
C GLY C 46 -16.01 29.37 -32.36
N GLN C 47 -17.02 28.51 -32.31
CA GLN C 47 -18.36 28.88 -32.62
C GLN C 47 -19.16 28.41 -31.39
N PRO C 48 -19.29 29.29 -30.37
CA PRO C 48 -19.84 28.87 -29.05
C PRO C 48 -21.21 28.20 -29.11
N ASN C 49 -22.11 28.69 -29.96
CA ASN C 49 -23.46 28.17 -30.01
C ASN C 49 -23.50 26.94 -30.87
N GLU C 50 -22.50 26.79 -31.73
CA GLU C 50 -22.38 25.57 -32.53
C GLU C 50 -21.68 24.43 -31.80
N GLY C 51 -20.93 24.76 -30.75
CA GLY C 51 -20.24 23.76 -29.96
C GLY C 51 -18.91 23.32 -30.55
N THR C 52 -18.25 24.19 -31.32
CA THR C 52 -17.01 23.82 -32.00
C THR C 52 -15.92 24.84 -31.74
N ASN C 53 -14.68 24.37 -31.66
CA ASN C 53 -13.57 25.31 -31.59
C ASN C 53 -12.28 24.60 -32.04
N THR C 54 -11.35 25.38 -32.57
CA THR C 54 -10.09 24.88 -33.06
C THR C 54 -9.03 25.76 -32.44
N VAL C 55 -7.96 25.14 -31.95
CA VAL C 55 -6.83 25.90 -31.40
C VAL C 55 -5.53 25.41 -32.03
N THR C 56 -4.58 26.33 -32.20
CA THR C 56 -3.23 25.96 -32.58
C THR C 56 -2.29 26.29 -31.44
N LEU C 57 -1.53 25.28 -31.02
CA LEU C 57 -0.55 25.38 -29.93
C LEU C 57 0.91 25.35 -30.40
N GLU C 58 1.77 26.06 -29.68
CA GLU C 58 3.19 25.99 -29.87
C GLU C 58 3.83 25.85 -28.51
N VAL C 59 4.70 24.87 -28.38
CA VAL C 59 5.51 24.71 -27.16
C VAL C 59 6.58 25.81 -27.18
N THR C 60 6.61 26.64 -26.15
CA THR C 60 7.52 27.80 -26.12
C THR C 60 8.71 27.62 -25.17
N LYS C 61 8.60 26.68 -24.24
CA LYS C 61 9.65 26.35 -23.28
C LYS C 61 9.53 24.88 -22.95
N GLY C 62 10.68 24.23 -22.74
CA GLY C 62 10.72 22.85 -22.28
C GLY C 62 10.34 21.81 -23.31
N GLY C 63 10.44 22.16 -24.59
CA GLY C 63 10.15 21.22 -25.68
C GLY C 63 11.41 20.76 -26.40
N PRO C 64 11.34 19.64 -27.16
CA PRO C 64 10.14 18.79 -27.26
C PRO C 64 9.79 18.14 -25.92
N LEU C 65 8.50 17.96 -25.67
CA LEU C 65 8.04 17.41 -24.40
C LEU C 65 8.45 15.94 -24.24
N PRO C 66 8.86 15.54 -23.02
CA PRO C 66 9.27 14.17 -22.71
C PRO C 66 8.11 13.29 -22.25
N PHE C 67 6.95 13.46 -22.90
CA PHE C 67 5.74 12.71 -22.66
C PHE C 67 4.80 12.96 -23.84
N GLY C 68 3.79 12.10 -23.98
CA GLY C 68 2.84 12.19 -25.08
C GLY C 68 1.95 13.42 -24.99
N TRP C 69 1.75 14.06 -26.14
CA TRP C 69 0.96 15.28 -26.22
C TRP C 69 -0.44 15.18 -25.62
N HIS C 70 -1.12 14.05 -25.85
CA HIS C 70 -2.57 13.94 -25.76
C HIS C 70 -3.22 14.26 -24.40
N ILE C 71 -2.52 13.97 -23.30
CA ILE C 71 -3.01 14.35 -21.96
C ILE C 71 -3.22 15.88 -21.82
N LEU C 72 -2.53 16.65 -22.66
CA LEU C 72 -2.69 18.10 -22.67
C LEU C 72 -3.96 18.60 -23.38
N CYS C 73 -4.51 17.79 -24.28
CA CYS C 73 -5.57 18.26 -25.21
C CYS C 73 -6.78 18.85 -24.50
N PRO C 74 -7.35 18.12 -23.52
CA PRO C 74 -8.50 18.73 -22.84
C PRO C 74 -8.20 20.00 -22.07
N GLN C 75 -6.94 20.27 -21.75
CA GLN C 75 -6.62 21.48 -21.01
C GLN C 75 -6.72 22.72 -21.93
N PHE C 76 -6.32 22.56 -23.18
CA PHE C 76 -6.44 23.63 -24.18
C PHE C 76 -7.89 23.80 -24.57
N ASN C 78 -12.58 24.95 -22.53
CA ASN C 78 -13.51 26.02 -22.19
C ASN C 78 -14.87 25.57 -22.65
N LYS C 79 -15.66 25.07 -21.72
CA LYS C 79 -16.96 24.56 -22.09
C LYS C 79 -18.01 25.67 -22.32
N ALA C 80 -17.57 26.92 -22.53
CA ALA C 80 -18.39 27.91 -23.21
C ALA C 80 -18.62 27.55 -24.69
N PHE C 81 -17.69 26.80 -25.30
CA PHE C 81 -17.91 26.27 -26.65
C PHE C 81 -18.65 24.91 -26.60
N VAL C 82 -19.82 24.88 -25.99
CA VAL C 82 -20.65 23.66 -25.98
C VAL C 82 -22.00 24.12 -26.51
N HIS C 83 -22.54 23.45 -27.52
CA HIS C 83 -23.91 23.72 -27.89
C HIS C 83 -24.89 23.31 -26.80
N HIS C 84 -25.70 24.27 -26.34
CA HIS C 84 -26.76 23.98 -25.37
C HIS C 84 -28.11 24.15 -26.01
N PRO C 85 -28.97 23.13 -25.87
CA PRO C 85 -30.35 23.29 -26.30
C PRO C 85 -31.02 24.30 -25.35
N ASP C 86 -32.19 24.80 -25.74
CA ASP C 86 -32.86 25.87 -25.01
C ASP C 86 -33.29 25.46 -23.59
N ASN C 87 -33.47 24.16 -23.34
CA ASN C 87 -33.91 23.72 -22.02
C ASN C 87 -32.79 23.25 -21.10
N ILE C 88 -31.55 23.64 -21.39
CA ILE C 88 -30.48 23.44 -20.42
C ILE C 88 -29.81 24.78 -20.21
N HIS C 89 -29.88 25.29 -18.99
CA HIS C 89 -29.29 26.57 -18.67
C HIS C 89 -27.79 26.52 -18.91
N ASP C 90 -27.28 27.52 -19.59
CA ASP C 90 -25.89 27.54 -20.00
C ASP C 90 -25.09 28.36 -18.98
N TYR C 91 -24.72 27.71 -17.89
CA TYR C 91 -24.04 28.33 -16.76
C TYR C 91 -22.74 29.04 -17.19
N LEU C 92 -21.99 28.42 -18.08
CA LEU C 92 -20.70 28.93 -18.45
C LEU C 92 -20.77 30.13 -19.39
N LYS C 93 -21.68 30.08 -20.36
CA LYS C 93 -21.86 31.24 -21.23
C LYS C 93 -22.38 32.41 -20.42
N LEU C 94 -23.31 32.13 -19.52
CA LEU C 94 -23.87 33.15 -18.65
C LEU C 94 -22.87 33.73 -17.63
N SER C 95 -21.71 33.08 -17.44
CA SER C 95 -20.69 33.59 -16.53
C SER C 95 -19.99 34.81 -17.12
N PHE C 96 -20.12 35.01 -18.44
CA PHE C 96 -19.49 36.15 -19.11
C PHE C 96 -20.39 37.38 -19.06
N PRO C 97 -19.82 38.60 -19.09
CA PRO C 97 -18.39 38.96 -19.34
C PRO C 97 -17.34 38.64 -18.26
N GLU C 98 -17.76 38.45 -17.01
CA GLU C 98 -16.83 38.26 -15.89
C GLU C 98 -15.95 37.01 -16.09
N GLY C 99 -16.56 35.92 -16.48
CA GLY C 99 -15.81 34.73 -16.76
C GLY C 99 -15.92 33.73 -15.65
N TYR C 100 -15.06 32.74 -15.70
CA TYR C 100 -15.13 31.65 -14.77
C TYR C 100 -13.78 30.99 -14.67
N THR C 101 -13.66 30.13 -13.66
CA THR C 101 -12.48 29.30 -13.51
C THR C 101 -12.92 27.86 -13.54
N TRP C 102 -12.03 26.98 -13.99
CA TRP C 102 -12.22 25.57 -13.72
C TRP C 102 -11.02 24.90 -13.07
N GLU C 103 -11.27 23.79 -12.37
CA GLU C 103 -10.22 23.06 -11.69
C GLU C 103 -10.51 21.60 -11.96
N ARG C 104 -9.48 20.87 -12.36
CA ARG C 104 -9.63 19.54 -12.88
C ARG C 104 -8.58 18.59 -12.31
N SER C 105 -9.03 17.41 -11.93
CA SER C 105 -8.15 16.27 -11.67
C SER C 105 -8.37 15.20 -12.74
N MET C 106 -7.29 14.53 -13.15
CA MET C 106 -7.36 13.38 -14.03
C MET C 106 -6.54 12.27 -13.40
N HIS C 107 -7.21 11.22 -12.93
CA HIS C 107 -6.57 10.06 -12.32
C HIS C 107 -6.55 8.97 -13.36
N PHE C 108 -5.36 8.55 -13.71
CA PHE C 108 -5.15 7.54 -14.73
C PHE C 108 -5.01 6.20 -14.08
N GLU C 109 -5.36 5.16 -14.85
CA GLU C 109 -5.39 3.80 -14.34
C GLU C 109 -4.06 3.26 -13.83
N ASP C 110 -2.93 3.86 -14.26
CA ASP C 110 -1.62 3.41 -13.77
C ASP C 110 -1.02 4.30 -12.66
N GLY C 111 -1.86 5.16 -12.07
CA GLY C 111 -1.40 6.01 -10.96
C GLY C 111 -1.00 7.42 -11.36
N GLY C 112 -0.82 7.67 -12.65
CA GLY C 112 -0.62 9.02 -13.13
C GLY C 112 -1.76 9.91 -12.67
N LEU C 113 -1.41 11.13 -12.25
CA LEU C 113 -2.38 12.14 -11.85
C LEU C 113 -2.02 13.50 -12.41
N CYS C 114 -3.01 14.15 -13.03
CA CYS C 114 -2.91 15.52 -13.46
C CYS C 114 -3.88 16.38 -12.70
N CYS C 115 -3.41 17.59 -12.39
CA CYS C 115 -4.18 18.61 -11.72
C CYS C 115 -4.00 19.87 -12.55
N ILE C 116 -5.11 20.40 -13.04
CA ILE C 116 -5.12 21.46 -14.01
C ILE C 116 -6.12 22.52 -13.58
N THR C 117 -5.74 23.78 -13.79
CA THR C 117 -6.66 24.88 -13.58
C THR C 117 -6.66 25.76 -14.81
N ASN C 118 -7.79 26.41 -15.04
CA ASN C 118 -7.88 27.43 -16.07
C ASN C 118 -8.69 28.60 -15.53
N ASP C 119 -8.15 29.81 -15.68
CA ASP C 119 -8.88 31.02 -15.34
C ASP C 119 -9.23 31.64 -16.69
N ILE C 120 -10.53 31.69 -17.01
CA ILE C 120 -10.98 32.18 -18.31
C ILE C 120 -11.53 33.61 -18.25
N SER C 121 -10.97 34.50 -19.07
CA SER C 121 -11.45 35.86 -19.11
C SER C 121 -11.81 36.16 -20.55
N LEU C 122 -12.46 37.29 -20.75
CA LEU C 122 -12.89 37.70 -22.07
C LEU C 122 -12.58 39.17 -22.25
N THR C 123 -11.92 39.52 -23.35
CA THR C 123 -11.73 40.92 -23.68
C THR C 123 -12.01 41.05 -25.16
N GLY C 124 -12.92 41.97 -25.48
CA GLY C 124 -13.50 42.08 -26.80
C GLY C 124 -14.28 40.81 -27.07
N ASN C 125 -13.87 40.19 -28.15
CA ASN C 125 -14.42 38.95 -28.62
C ASN C 125 -13.39 37.81 -28.50
N CYS C 126 -12.46 37.92 -27.55
CA CYS C 126 -11.43 36.87 -27.40
C CYS C 126 -11.39 36.33 -25.97
N PHE C 127 -11.56 35.01 -25.81
CA PHE C 127 -11.30 34.37 -24.53
C PHE C 127 -9.80 34.28 -24.26
N TYR C 128 -9.43 34.49 -23.00
CA TYR C 128 -8.06 34.31 -22.58
C TYR C 128 -8.04 33.21 -21.57
N TYR C 129 -7.18 32.22 -21.83
CA TYR C 129 -7.05 31.09 -20.91
C TYR C 129 -5.70 31.19 -20.25
N ASP C 130 -5.72 31.10 -18.92
CA ASP C 130 -4.53 31.09 -18.10
C ASP C 130 -4.48 29.72 -17.43
N ILE C 131 -3.74 28.80 -18.05
CA ILE C 131 -3.82 27.38 -17.68
C ILE C 131 -2.59 26.97 -16.87
N LYS C 132 -2.80 26.26 -15.77
CA LYS C 132 -1.70 25.74 -14.95
C LYS C 132 -1.84 24.23 -14.90
N PHE C 133 -0.78 23.54 -15.31
CA PHE C 133 -0.80 22.08 -15.39
C PHE C 133 0.28 21.45 -14.49
N THR C 134 -0.11 20.45 -13.71
CA THR C 134 0.84 19.61 -12.98
C THR C 134 0.50 18.16 -13.28
N GLY C 135 1.46 17.43 -13.84
CA GLY C 135 1.32 16.00 -14.09
C GLY C 135 2.32 15.30 -13.18
N LEU C 136 1.87 14.28 -12.45
CA LEU C 136 2.74 13.61 -11.49
C LEU C 136 2.46 12.12 -11.34
N ASN C 137 3.48 11.41 -10.86
CA ASN C 137 3.41 9.96 -10.60
C ASN C 137 3.13 9.13 -11.85
N PHE C 138 3.50 9.64 -13.04
CA PHE C 138 3.41 8.83 -14.25
C PHE C 138 4.61 7.87 -14.31
N PRO C 139 4.33 6.55 -14.46
CA PRO C 139 5.39 5.53 -14.49
C PRO C 139 6.24 5.68 -15.76
N PRO C 140 7.54 5.35 -15.69
CA PRO C 140 8.41 5.59 -16.85
C PRO C 140 8.09 4.70 -18.06
N ASN C 141 7.44 3.56 -17.80
CA ASN C 141 7.07 2.63 -18.86
C ASN C 141 5.60 2.72 -19.28
N GLY C 142 4.89 3.72 -18.74
CA GLY C 142 3.50 4.01 -19.11
C GLY C 142 3.39 4.61 -20.50
N PRO C 143 2.19 4.54 -21.11
CA PRO C 143 1.95 5.12 -22.44
C PRO C 143 2.17 6.63 -22.56
N VAL C 144 2.06 7.39 -21.47
CA VAL C 144 2.27 8.84 -21.54
C VAL C 144 3.74 9.15 -21.73
N VAL C 145 4.58 8.69 -20.79
CA VAL C 145 6.02 8.90 -20.89
C VAL C 145 6.54 8.24 -22.17
N GLN C 146 6.05 7.04 -22.48
CA GLN C 146 6.53 6.32 -23.67
C GLN C 146 5.99 6.88 -24.99
N LYS C 147 5.18 7.94 -24.90
CA LYS C 147 4.56 8.56 -26.08
C LYS C 147 3.82 7.53 -26.94
N LYS C 148 2.99 6.73 -26.30
CA LYS C 148 2.25 5.69 -26.99
C LYS C 148 0.75 6.01 -27.13
N THR C 149 0.32 7.15 -26.58
CA THR C 149 -1.07 7.59 -26.71
C THR C 149 -1.26 8.13 -28.12
N THR C 150 -2.45 7.88 -28.69
CA THR C 150 -2.69 8.21 -30.10
C THR C 150 -3.87 9.16 -30.28
N GLY C 151 -4.58 9.44 -29.20
CA GLY C 151 -5.70 10.38 -29.23
C GLY C 151 -6.64 10.03 -28.11
N TRP C 152 -7.80 10.67 -28.10
CA TRP C 152 -8.85 10.43 -27.14
C TRP C 152 -10.04 9.82 -27.86
N GLU C 153 -10.72 8.91 -27.17
CA GLU C 153 -12.05 8.51 -27.60
C GLU C 153 -12.98 9.72 -27.42
N PRO C 154 -14.14 9.72 -28.13
CA PRO C 154 -15.16 10.68 -27.72
C PRO C 154 -15.58 10.41 -26.28
N SER C 155 -16.14 11.40 -25.62
CA SER C 155 -16.44 11.24 -24.20
C SER C 155 -17.80 11.80 -23.87
N THR C 156 -18.30 11.39 -22.71
CA THR C 156 -19.55 11.87 -22.18
C THR C 156 -19.28 12.26 -20.73
N GLU C 157 -19.41 13.55 -20.44
CA GLU C 157 -19.25 14.09 -19.09
C GLU C 157 -20.62 14.15 -18.43
N ARG C 158 -20.71 13.66 -17.19
CA ARG C 158 -21.89 13.85 -16.39
C ARG C 158 -21.76 15.07 -15.48
N LEU C 159 -22.73 16.00 -15.54
CA LEU C 159 -22.70 17.27 -14.77
C LEU C 159 -23.88 17.43 -13.86
N TYR C 160 -23.65 18.06 -12.71
CA TYR C 160 -24.69 18.37 -11.76
C TYR C 160 -24.27 19.61 -10.99
N PRO C 161 -25.25 20.41 -10.54
CA PRO C 161 -24.97 21.62 -9.79
C PRO C 161 -24.77 21.31 -8.32
N ARG C 162 -23.90 22.08 -7.68
CA ARG C 162 -23.66 21.95 -6.25
C ARG C 162 -23.12 23.30 -5.78
N ASP C 163 -23.80 23.91 -4.81
CA ASP C 163 -23.29 25.10 -4.11
C ASP C 163 -23.06 26.24 -5.11
N GLY C 164 -23.93 26.37 -6.13
CA GLY C 164 -23.78 27.39 -7.17
C GLY C 164 -22.63 27.17 -8.13
N VAL C 165 -22.01 25.99 -8.06
CA VAL C 165 -21.00 25.64 -9.04
C VAL C 165 -21.41 24.37 -9.80
N LEU C 166 -20.66 24.03 -10.84
CA LEU C 166 -20.98 22.90 -11.65
C LEU C 166 -19.85 21.89 -11.52
N ILE C 167 -20.23 20.63 -11.35
CA ILE C 167 -19.27 19.55 -11.24
C ILE C 167 -19.50 18.55 -12.37
N GLY C 168 -18.45 18.25 -13.10
CA GLY C 168 -18.53 17.31 -14.20
C GLY C 168 -17.55 16.19 -13.95
N ASP C 169 -17.94 14.95 -14.25
CA ASP C 169 -17.05 13.80 -14.09
C ASP C 169 -17.12 13.01 -15.38
N ILE C 170 -15.97 12.51 -15.84
CA ILE C 170 -15.91 11.76 -17.09
C ILE C 170 -15.15 10.47 -16.85
N HIS C 171 -15.67 9.38 -17.40
CA HIS C 171 -14.89 8.15 -17.52
C HIS C 171 -14.45 8.09 -18.97
N HIS C 172 -13.18 8.43 -19.15
CA HIS C 172 -12.61 8.73 -20.43
C HIS C 172 -11.47 7.75 -20.69
N ALA C 173 -10.87 7.86 -21.86
CA ALA C 173 -9.80 6.96 -22.25
C ALA C 173 -9.05 7.54 -23.44
N LEU C 174 -7.73 7.44 -23.37
CA LEU C 174 -6.85 7.67 -24.49
C LEU C 174 -6.77 6.36 -25.23
N THR C 175 -6.65 6.44 -26.55
CA THR C 175 -6.34 5.25 -27.33
C THR C 175 -4.82 5.09 -27.30
N VAL C 176 -4.36 3.86 -27.31
CA VAL C 176 -2.93 3.59 -27.24
C VAL C 176 -2.47 2.84 -28.49
N GLU C 177 -1.23 3.11 -28.92
CA GLU C 177 -0.66 2.46 -30.10
C GLU C 177 -0.82 0.96 -29.98
N GLY C 178 -1.13 0.32 -31.11
CA GLY C 178 -1.31 -1.12 -31.17
C GLY C 178 -2.68 -1.55 -30.69
N GLY C 179 -3.62 -0.60 -30.66
CA GLY C 179 -4.95 -0.85 -30.12
C GLY C 179 -4.91 -0.92 -28.61
N GLY C 180 -6.06 -0.66 -28.00
CA GLY C 180 -6.16 -0.64 -26.55
C GLY C 180 -6.43 0.75 -26.01
N HIS C 181 -6.81 0.80 -24.74
CA HIS C 181 -7.22 2.04 -24.10
C HIS C 181 -6.44 2.24 -22.81
N TYR C 182 -6.28 3.50 -22.47
CA TYR C 182 -5.61 3.93 -21.26
C TYR C 182 -6.63 4.81 -20.56
N ALA C 183 -7.25 4.25 -19.54
CA ALA C 183 -8.42 4.87 -18.92
C ALA C 183 -8.06 5.95 -17.92
N CYS C 184 -8.94 6.95 -17.82
CA CYS C 184 -8.76 7.99 -16.85
C CYS C 184 -10.10 8.47 -16.27
N ASP C 185 -10.07 8.84 -15.01
CA ASP C 185 -11.23 9.39 -14.32
C ASP C 185 -11.01 10.88 -14.21
N ILE C 186 -11.89 11.68 -14.83
CA ILE C 186 -11.71 13.13 -14.85
C ILE C 186 -12.79 13.81 -14.03
N LYS C 187 -12.37 14.68 -13.11
CA LYS C 187 -13.30 15.53 -12.40
C LYS C 187 -12.99 16.97 -12.71
N THR C 188 -14.01 17.74 -13.08
CA THR C 188 -13.85 19.15 -13.30
C THR C 188 -14.89 19.91 -12.46
N VAL C 189 -14.43 20.93 -11.75
CA VAL C 189 -15.34 21.84 -11.07
C VAL C 189 -15.26 23.23 -11.78
N TYR C 190 -16.41 23.76 -12.20
CA TYR C 190 -16.49 25.04 -12.95
C TYR C 190 -17.12 26.07 -12.05
N ARG C 191 -16.42 27.19 -11.81
CA ARG C 191 -16.92 28.24 -10.91
C ARG C 191 -17.07 29.55 -11.66
N ALA C 192 -18.31 29.97 -11.85
CA ALA C 192 -18.59 31.34 -12.32
C ALA C 192 -17.93 32.33 -11.35
N LYS C 193 -17.32 33.37 -11.87
CA LYS C 193 -16.70 34.37 -11.01
C LYS C 193 -17.75 35.21 -10.32
N LYS C 194 -18.92 35.34 -10.93
CA LYS C 194 -20.04 36.01 -10.28
C LYS C 194 -21.19 35.02 -10.10
N ALA C 195 -21.90 35.11 -8.97
CA ALA C 195 -22.96 34.16 -8.64
C ALA C 195 -23.92 33.95 -9.80
N ALA C 196 -24.17 32.69 -10.16
CA ALA C 196 -25.15 32.37 -11.20
C ALA C 196 -26.51 32.68 -10.64
N LEU C 197 -27.41 33.11 -11.52
CA LEU C 197 -28.77 33.43 -11.10
C LEU C 197 -29.67 32.20 -11.21
N LYS C 198 -29.20 31.24 -12.01
CA LYS C 198 -29.81 29.92 -12.09
C LYS C 198 -28.78 28.89 -12.51
N MET C 199 -29.12 27.63 -12.26
CA MET C 199 -28.23 26.51 -12.46
C MET C 199 -28.93 25.51 -13.38
N PRO C 200 -28.17 24.79 -14.23
CA PRO C 200 -28.79 23.67 -14.93
C PRO C 200 -29.01 22.49 -13.97
N GLY C 201 -29.78 21.49 -14.38
CA GLY C 201 -29.95 20.29 -13.58
C GLY C 201 -28.87 19.28 -13.96
N TYR C 202 -29.15 18.03 -13.63
CA TYR C 202 -28.30 16.88 -13.93
C TYR C 202 -28.30 16.70 -15.45
N HIS C 203 -27.14 16.76 -16.09
CA HIS C 203 -27.13 16.61 -17.55
C HIS C 203 -25.75 16.14 -18.02
N TYR C 204 -25.56 16.11 -19.34
CA TYR C 204 -24.36 15.52 -19.91
C TYR C 204 -23.79 16.43 -20.98
N VAL C 205 -22.52 16.24 -21.25
CA VAL C 205 -21.92 16.88 -22.41
C VAL C 205 -21.16 15.78 -23.12
N ASP C 206 -21.45 15.62 -24.40
CA ASP C 206 -20.73 14.70 -25.28
C ASP C 206 -19.69 15.55 -26.00
N THR C 207 -18.45 15.05 -26.06
CA THR C 207 -17.35 15.79 -26.65
C THR C 207 -16.57 14.85 -27.55
N LYS C 208 -16.05 15.39 -28.64
CA LYS C 208 -15.08 14.67 -29.48
C LYS C 208 -13.97 15.65 -29.81
N LEU C 209 -12.76 15.30 -29.41
CA LEU C 209 -11.59 16.11 -29.68
C LEU C 209 -10.61 15.32 -30.56
N VAL C 210 -10.12 15.95 -31.62
CA VAL C 210 -9.19 15.30 -32.53
C VAL C 210 -8.06 16.28 -32.87
N ILE C 211 -6.87 15.72 -33.13
CA ILE C 211 -5.72 16.47 -33.62
C ILE C 211 -5.88 16.56 -35.12
N TRP C 212 -5.93 17.77 -35.63
CA TRP C 212 -6.02 17.97 -37.07
C TRP C 212 -4.65 17.88 -37.71
N ASN C 213 -3.65 18.43 -37.03
CA ASN C 213 -2.29 18.60 -37.55
C ASN C 213 -1.30 18.64 -36.42
N ASN C 214 -0.10 18.13 -36.67
CA ASN C 214 1.02 18.26 -35.76
C ASN C 214 2.33 18.09 -36.51
N ASP C 215 3.38 18.75 -36.06
CA ASP C 215 4.73 18.40 -36.53
C ASP C 215 5.18 17.14 -35.82
N LYS C 216 6.19 16.49 -36.41
CA LYS C 216 6.68 15.19 -35.93
C LYS C 216 6.96 15.19 -34.44
N GLU C 217 7.47 16.32 -33.95
CA GLU C 217 7.86 16.48 -32.55
C GLU C 217 6.73 16.97 -31.64
N PHE C 218 5.55 17.23 -32.22
CA PHE C 218 4.43 17.83 -31.48
C PHE C 218 4.87 19.12 -30.77
N MET C 219 5.65 19.94 -31.45
CA MET C 219 6.01 21.26 -30.97
C MET C 219 4.95 22.27 -31.44
N LYS C 220 4.26 21.90 -32.51
CA LYS C 220 3.16 22.70 -33.06
C LYS C 220 2.03 21.76 -33.42
N VAL C 221 0.86 22.01 -32.85
CA VAL C 221 -0.28 21.11 -32.93
C VAL C 221 -1.58 21.90 -33.20
N GLU C 222 -2.41 21.42 -34.11
CA GLU C 222 -3.70 22.00 -34.35
C GLU C 222 -4.78 20.97 -33.94
N GLU C 223 -5.66 21.36 -33.05
CA GLU C 223 -6.69 20.42 -32.58
C GLU C 223 -8.08 21.02 -32.60
N HIS C 224 -9.09 20.17 -32.75
CA HIS C 224 -10.47 20.60 -32.93
C HIS C 224 -11.38 19.84 -31.98
N GLU C 225 -12.32 20.56 -31.35
CA GLU C 225 -13.24 19.98 -30.35
C GLU C 225 -14.66 20.27 -30.80
N ILE C 226 -15.52 19.26 -30.74
CA ILE C 226 -16.97 19.44 -30.90
C ILE C 226 -17.63 18.99 -29.60
N ALA C 227 -18.61 19.75 -29.09
CA ALA C 227 -19.26 19.40 -27.81
C ALA C 227 -20.71 19.86 -27.78
N VAL C 228 -21.58 19.02 -27.21
CA VAL C 228 -23.00 19.31 -27.22
C VAL C 228 -23.51 18.89 -25.85
N ALA C 229 -24.34 19.72 -25.21
CA ALA C 229 -25.00 19.34 -23.94
C ALA C 229 -26.36 18.71 -24.23
N ARG C 230 -26.76 17.78 -23.38
CA ARG C 230 -28.05 17.13 -23.52
C ARG C 230 -28.44 16.53 -22.19
N HIS C 231 -29.69 16.15 -22.08
CA HIS C 231 -30.12 15.35 -20.97
C HIS C 231 -29.83 13.89 -21.28
N HIS C 232 -29.93 13.06 -20.26
CA HIS C 232 -29.87 11.65 -20.46
C HIS C 232 -31.02 11.31 -21.39
N PRO C 233 -30.85 10.33 -22.28
CA PRO C 233 -32.03 9.94 -23.09
C PRO C 233 -33.29 9.50 -22.33
N PHE C 234 -33.17 9.04 -21.07
CA PHE C 234 -34.36 8.64 -20.26
C PHE C 234 -34.75 9.69 -19.19
N TYR C 235 -34.21 10.90 -19.32
CA TYR C 235 -34.54 12.05 -18.49
C TYR C 235 -36.04 12.34 -18.39
N GLU C 236 -36.44 12.88 -17.24
CA GLU C 236 -37.78 13.43 -17.05
C GLU C 236 -37.73 14.75 -16.28
N PRO C 237 -38.46 15.78 -16.76
CA PRO C 237 -38.52 17.00 -15.96
C PRO C 237 -39.64 16.89 -14.92
N VAL D 18 28.45 20.10 -0.52
CA VAL D 18 27.73 21.41 -0.62
C VAL D 18 26.70 21.62 0.50
N ILE D 19 26.38 20.56 1.24
CA ILE D 19 25.46 20.67 2.38
C ILE D 19 26.23 21.08 3.63
N LYS D 20 25.88 22.24 4.17
CA LYS D 20 26.55 22.81 5.32
C LYS D 20 25.67 22.71 6.57
N GLU D 21 26.28 22.87 7.74
CA GLU D 21 25.58 22.68 9.02
C GLU D 21 24.44 23.67 9.27
N GLU D 22 24.49 24.83 8.61
CA GLU D 22 23.37 25.76 8.64
C GLU D 22 23.22 26.37 7.26
N MET D 23 21.98 26.35 6.77
CA MET D 23 21.67 26.80 5.41
C MET D 23 20.45 27.69 5.35
N LEU D 24 20.43 28.55 4.27
CA LEU D 24 19.36 29.53 4.18
C LEU D 24 18.25 29.01 3.28
N ILE D 25 17.04 29.50 3.52
CA ILE D 25 15.87 29.12 2.72
C ILE D 25 15.22 30.37 2.11
N ASP D 26 15.05 30.34 0.79
CA ASP D 26 14.31 31.34 0.03
C ASP D 26 13.18 30.61 -0.71
N LEU D 27 11.96 31.09 -0.57
CA LEU D 27 10.84 30.42 -1.26
C LEU D 27 9.77 31.33 -1.85
N HIS D 28 9.19 30.84 -2.94
CA HIS D 28 8.04 31.46 -3.58
C HIS D 28 6.99 30.40 -3.88
N LEU D 29 5.76 30.67 -3.47
CA LEU D 29 4.63 29.81 -3.79
C LEU D 29 3.62 30.59 -4.63
N GLU D 30 3.22 29.99 -5.76
CA GLU D 30 2.17 30.54 -6.62
C GLU D 30 1.08 29.51 -6.54
N GLY D 31 -0.13 29.93 -6.20
CA GLY D 31 -1.17 28.93 -6.00
C GLY D 31 -2.58 29.36 -6.33
N THR D 32 -3.44 28.36 -6.37
CA THR D 32 -4.83 28.50 -6.66
C THR D 32 -5.59 27.60 -5.68
N PHE D 33 -6.61 28.12 -5.02
CA PHE D 33 -7.43 27.29 -4.15
C PHE D 33 -8.89 27.51 -4.48
N ASN D 34 -9.57 26.45 -4.95
CA ASN D 34 -10.95 26.61 -5.41
C ASN D 34 -11.08 27.84 -6.35
N GLY D 35 -10.12 27.98 -7.27
CA GLY D 35 -10.13 29.06 -8.25
C GLY D 35 -9.58 30.40 -7.80
N HIS D 36 -9.22 30.52 -6.53
CA HIS D 36 -8.72 31.78 -5.99
C HIS D 36 -7.20 31.81 -6.06
N TYR D 37 -6.66 32.78 -6.77
CA TYR D 37 -5.23 32.85 -7.00
C TYR D 37 -4.57 33.56 -5.83
N PHE D 38 -3.43 33.02 -5.40
CA PHE D 38 -2.65 33.67 -4.35
C PHE D 38 -1.17 33.39 -4.53
N GLU D 39 -0.35 34.22 -3.91
CA GLU D 39 1.09 34.06 -3.92
C GLU D 39 1.59 34.26 -2.51
N ILE D 40 2.62 33.51 -2.16
CA ILE D 40 3.26 33.63 -0.86
C ILE D 40 4.77 33.63 -1.07
N LYS D 41 5.48 34.44 -0.30
CA LYS D 41 6.92 34.34 -0.31
C LYS D 41 7.37 33.98 1.09
N GLY D 42 8.59 33.47 1.18
CA GLY D 42 9.14 33.15 2.49
C GLY D 42 10.65 33.08 2.52
N LYS D 43 11.17 33.25 3.72
CA LYS D 43 12.59 33.07 3.98
C LYS D 43 12.78 32.35 5.31
N GLY D 44 13.97 31.76 5.47
CA GLY D 44 14.34 31.23 6.77
C GLY D 44 15.65 30.47 6.71
N LYS D 45 15.85 29.64 7.76
CA LYS D 45 17.10 28.94 7.89
C LYS D 45 16.89 27.57 8.51
N GLY D 46 17.84 26.68 8.25
CA GLY D 46 17.73 25.31 8.72
C GLY D 46 19.07 24.74 9.11
N GLN D 47 19.01 23.57 9.74
CA GLN D 47 20.18 22.85 10.18
C GLN D 47 19.99 21.44 9.63
N PRO D 48 20.46 21.18 8.38
CA PRO D 48 20.08 19.97 7.62
C PRO D 48 20.34 18.63 8.34
N ASN D 49 21.45 18.58 9.07
CA ASN D 49 21.83 17.39 9.84
C ASN D 49 21.15 17.29 11.21
N GLU D 50 20.68 18.42 11.75
CA GLU D 50 19.89 18.39 12.98
C GLU D 50 18.43 18.05 12.64
N GLY D 51 18.05 18.24 11.39
CA GLY D 51 16.71 17.90 10.90
C GLY D 51 15.69 18.96 11.28
N THR D 52 16.14 20.20 11.37
CA THR D 52 15.30 21.28 11.80
C THR D 52 15.36 22.43 10.78
N ASN D 53 14.23 23.10 10.59
CA ASN D 53 14.22 24.35 9.86
C ASN D 53 13.05 25.22 10.27
N THR D 54 13.25 26.53 10.18
CA THR D 54 12.24 27.51 10.51
C THR D 54 12.07 28.46 9.32
N VAL D 55 10.84 28.68 8.87
CA VAL D 55 10.57 29.65 7.82
C VAL D 55 9.54 30.67 8.27
N THR D 56 9.62 31.86 7.69
CA THR D 56 8.59 32.87 7.90
C THR D 56 8.03 33.22 6.54
N LEU D 57 6.70 33.13 6.42
CA LEU D 57 6.00 33.34 5.16
C LEU D 57 5.21 34.62 5.23
N GLU D 58 5.06 35.27 4.08
CA GLU D 58 4.21 36.43 3.93
C GLU D 58 3.32 36.22 2.72
N VAL D 59 2.02 36.44 2.87
CA VAL D 59 1.12 36.40 1.73
C VAL D 59 1.33 37.72 0.98
N THR D 60 1.69 37.64 -0.30
CA THR D 60 1.95 38.84 -1.10
C THR D 60 0.86 39.18 -2.12
N LYS D 61 0.03 38.19 -2.44
CA LYS D 61 -1.00 38.34 -3.47
C LYS D 61 -2.18 37.46 -3.05
N GLY D 62 -3.40 37.96 -3.22
CA GLY D 62 -4.60 37.16 -2.95
C GLY D 62 -4.96 36.96 -1.48
N GLY D 63 -4.41 37.79 -0.60
CA GLY D 63 -4.72 37.70 0.83
C GLY D 63 -5.80 38.69 1.28
N PRO D 64 -6.38 38.49 2.48
CA PRO D 64 -6.20 37.30 3.33
C PRO D 64 -6.83 36.06 2.71
N LEU D 65 -6.19 34.92 2.89
CA LEU D 65 -6.60 33.69 2.21
C LEU D 65 -8.03 33.30 2.59
N PRO D 66 -8.85 32.93 1.58
CA PRO D 66 -10.20 32.43 1.83
C PRO D 66 -10.23 30.95 2.24
N PHE D 67 -9.22 30.52 2.99
CA PHE D 67 -9.12 29.15 3.49
C PHE D 67 -8.11 29.10 4.63
N GLY D 68 -8.21 28.04 5.44
CA GLY D 68 -7.31 27.87 6.58
C GLY D 68 -5.89 27.64 6.12
N TRP D 69 -4.95 28.24 6.85
CA TRP D 69 -3.55 28.26 6.48
C TRP D 69 -2.91 26.88 6.39
N HIS D 70 -3.29 26.00 7.29
CA HIS D 70 -2.47 24.84 7.61
C HIS D 70 -2.19 23.87 6.45
N ILE D 71 -3.08 23.81 5.45
CA ILE D 71 -2.83 22.94 4.30
C ILE D 71 -1.58 23.34 3.50
N LEU D 72 -1.18 24.60 3.61
CA LEU D 72 0.03 25.08 2.95
C LEU D 72 1.31 24.69 3.66
N CYS D 73 1.26 24.48 4.99
CA CYS D 73 2.49 24.25 5.78
C CYS D 73 3.50 23.27 5.20
N PRO D 74 3.06 22.04 4.87
CA PRO D 74 3.98 21.07 4.29
C PRO D 74 4.59 21.50 2.97
N GLN D 75 3.95 22.42 2.27
CA GLN D 75 4.48 22.86 0.99
C GLN D 75 5.71 23.75 1.19
N PHE D 76 5.68 24.58 2.23
CA PHE D 76 6.82 25.43 2.61
C PHE D 76 7.90 24.61 3.27
N ASN D 78 11.25 20.70 2.14
CA ASN D 78 12.51 20.18 1.61
C ASN D 78 13.08 19.16 2.55
N LYS D 79 12.94 17.90 2.18
CA LYS D 79 13.41 16.81 3.01
C LYS D 79 14.92 16.66 2.97
N ALA D 80 15.62 17.70 2.52
CA ALA D 80 17.05 17.80 2.73
C ALA D 80 17.30 18.18 4.19
N PHE D 81 16.29 18.76 4.83
CA PHE D 81 16.32 19.06 6.27
C PHE D 81 15.71 17.90 7.09
N VAL D 82 16.25 16.71 6.90
CA VAL D 82 15.88 15.54 7.70
C VAL D 82 17.17 14.98 8.30
N HIS D 83 17.17 14.79 9.62
CA HIS D 83 18.24 14.05 10.28
C HIS D 83 18.23 12.60 9.78
N HIS D 84 19.33 12.20 9.14
CA HIS D 84 19.52 10.83 8.69
C HIS D 84 20.59 10.14 9.54
N PRO D 85 20.30 8.93 10.05
CA PRO D 85 21.38 8.17 10.67
C PRO D 85 22.34 7.68 9.60
N ASP D 86 23.52 7.23 10.00
CA ASP D 86 24.57 6.80 9.08
C ASP D 86 24.14 5.65 8.17
N ASN D 87 23.20 4.84 8.63
CA ASN D 87 22.78 3.64 7.91
C ASN D 87 21.61 3.79 6.92
N ILE D 88 21.05 5.00 6.81
CA ILE D 88 20.04 5.30 5.78
C ILE D 88 20.58 6.32 4.77
N HIS D 89 20.72 5.87 3.53
CA HIS D 89 21.32 6.68 2.45
C HIS D 89 20.52 7.96 2.19
N ASP D 90 21.20 9.09 2.09
CA ASP D 90 20.55 10.40 2.03
C ASP D 90 20.41 10.94 0.61
N TYR D 91 19.50 10.32 -0.14
CA TYR D 91 19.20 10.63 -1.54
C TYR D 91 19.05 12.11 -1.85
N LEU D 92 18.31 12.84 -1.01
CA LEU D 92 18.02 14.25 -1.23
C LEU D 92 19.20 15.19 -0.95
N LYS D 93 19.86 15.04 0.20
CA LYS D 93 21.07 15.80 0.48
C LYS D 93 22.09 15.56 -0.63
N LEU D 94 22.13 14.32 -1.12
CA LEU D 94 23.11 13.91 -2.12
C LEU D 94 22.74 14.33 -3.55
N SER D 95 21.52 14.82 -3.76
CA SER D 95 21.15 15.37 -5.07
C SER D 95 21.88 16.69 -5.38
N PHE D 96 22.27 17.41 -4.35
CA PHE D 96 22.89 18.73 -4.50
C PHE D 96 24.36 18.59 -4.87
N PRO D 97 24.95 19.58 -5.60
CA PRO D 97 24.46 20.92 -5.97
C PRO D 97 23.27 20.99 -6.94
N GLU D 98 23.09 19.96 -7.77
CA GLU D 98 22.11 20.02 -8.86
C GLU D 98 20.68 20.21 -8.38
N GLY D 99 20.36 19.59 -7.23
CA GLY D 99 19.06 19.74 -6.60
C GLY D 99 18.10 18.66 -7.03
N TYR D 100 16.84 18.80 -6.60
CA TYR D 100 15.78 17.88 -6.91
C TYR D 100 14.43 18.60 -7.03
N THR D 101 13.45 17.91 -7.60
CA THR D 101 12.08 18.37 -7.63
C THR D 101 11.23 17.41 -6.83
N TRP D 102 10.17 17.92 -6.21
CA TRP D 102 9.14 17.02 -5.69
C TRP D 102 7.75 17.38 -6.21
N GLU D 103 6.87 16.40 -6.17
CA GLU D 103 5.52 16.48 -6.70
C GLU D 103 4.66 15.71 -5.73
N ARG D 104 3.61 16.35 -5.24
CA ARG D 104 2.83 15.83 -4.13
C ARG D 104 1.33 15.94 -4.42
N SER D 105 0.59 14.90 -4.06
CA SER D 105 -0.86 15.00 -4.01
C SER D 105 -1.28 14.82 -2.58
N MET D 106 -2.32 15.54 -2.19
CA MET D 106 -2.93 15.39 -0.87
C MET D 106 -4.42 15.18 -1.09
N HIS D 107 -4.90 13.97 -0.80
CA HIS D 107 -6.32 13.65 -0.88
C HIS D 107 -6.91 13.68 0.50
N PHE D 108 -7.87 14.57 0.70
CA PHE D 108 -8.50 14.75 2.01
C PHE D 108 -9.74 13.92 2.11
N GLU D 109 -10.16 13.66 3.34
CA GLU D 109 -11.25 12.72 3.56
C GLU D 109 -12.58 13.25 3.00
N ASP D 110 -12.69 14.55 2.80
CA ASP D 110 -13.94 15.15 2.29
C ASP D 110 -13.95 15.45 0.79
N GLY D 111 -13.01 14.90 0.03
CA GLY D 111 -12.96 15.11 -1.43
C GLY D 111 -11.98 16.18 -1.87
N GLY D 112 -11.58 17.05 -0.95
CA GLY D 112 -10.59 18.07 -1.27
C GLY D 112 -9.33 17.42 -1.81
N LEU D 113 -8.72 18.05 -2.81
CA LEU D 113 -7.47 17.53 -3.35
C LEU D 113 -6.48 18.67 -3.59
N CYS D 114 -5.23 18.46 -3.15
CA CYS D 114 -4.13 19.39 -3.45
C CYS D 114 -3.09 18.69 -4.28
N CYS D 115 -2.56 19.42 -5.25
CA CYS D 115 -1.48 18.97 -6.07
C CYS D 115 -0.42 20.05 -5.97
N ILE D 116 0.75 19.67 -5.49
CA ILE D 116 1.79 20.65 -5.21
C ILE D 116 3.08 20.18 -5.85
N THR D 117 3.86 21.12 -6.37
CA THR D 117 5.21 20.83 -6.85
C THR D 117 6.21 21.81 -6.27
N ASN D 118 7.45 21.36 -6.19
CA ASN D 118 8.51 22.22 -5.75
C ASN D 118 9.73 21.84 -6.52
N ASP D 119 10.40 22.86 -7.04
CA ASP D 119 11.66 22.65 -7.71
C ASP D 119 12.69 23.34 -6.80
N ILE D 120 13.57 22.53 -6.21
CA ILE D 120 14.52 23.03 -5.22
C ILE D 120 15.89 23.16 -5.87
N SER D 121 16.45 24.35 -5.78
CA SER D 121 17.79 24.58 -6.27
C SER D 121 18.64 25.15 -5.15
N LEU D 122 19.96 25.19 -5.39
CA LEU D 122 20.88 25.71 -4.40
C LEU D 122 21.90 26.64 -5.06
N THR D 123 21.93 27.89 -4.60
CA THR D 123 22.95 28.85 -5.04
C THR D 123 23.57 29.50 -3.80
N GLY D 124 24.92 29.39 -3.72
CA GLY D 124 25.63 29.63 -2.46
C GLY D 124 25.18 28.63 -1.41
N ASN D 125 24.79 29.14 -0.24
CA ASN D 125 24.30 28.31 0.87
C ASN D 125 22.79 28.47 1.06
N CYS D 126 22.12 28.88 -0.06
CA CYS D 126 20.70 29.18 0.05
C CYS D 126 19.89 28.31 -0.87
N PHE D 127 18.97 27.57 -0.26
CA PHE D 127 17.96 26.82 -0.99
C PHE D 127 16.89 27.77 -1.51
N TYR D 128 16.49 27.57 -2.76
CA TYR D 128 15.35 28.28 -3.34
C TYR D 128 14.24 27.27 -3.69
N TYR D 129 13.04 27.51 -3.18
CA TYR D 129 11.90 26.66 -3.48
C TYR D 129 10.99 27.41 -4.44
N ASP D 130 10.77 26.82 -5.62
CA ASP D 130 9.80 27.29 -6.58
C ASP D 130 8.55 26.41 -6.50
N ILE D 131 7.60 26.84 -5.68
CA ILE D 131 6.45 26.01 -5.33
C ILE D 131 5.20 26.43 -6.15
N LYS D 132 4.45 25.43 -6.57
CA LYS D 132 3.21 25.64 -7.33
C LYS D 132 2.16 24.77 -6.69
N PHE D 133 1.06 25.40 -6.32
CA PHE D 133 0.03 24.77 -5.51
C PHE D 133 -1.31 24.84 -6.23
N THR D 134 -2.00 23.70 -6.33
CA THR D 134 -3.38 23.70 -6.79
C THR D 134 -4.23 22.97 -5.77
N GLY D 135 -5.24 23.66 -5.24
CA GLY D 135 -6.21 23.05 -4.33
C GLY D 135 -7.58 23.10 -4.97
N LEU D 136 -8.28 21.98 -4.95
CA LEU D 136 -9.52 21.89 -5.69
C LEU D 136 -10.53 20.99 -5.02
N ASN D 137 -11.80 21.25 -5.31
CA ASN D 137 -12.91 20.42 -4.85
C ASN D 137 -13.08 20.40 -3.33
N PHE D 138 -12.62 21.45 -2.64
CA PHE D 138 -12.86 21.58 -1.20
C PHE D 138 -14.29 22.08 -0.93
N PRO D 139 -15.06 21.31 -0.16
CA PRO D 139 -16.45 21.73 0.10
C PRO D 139 -16.49 23.00 0.94
N PRO D 140 -17.52 23.85 0.71
CA PRO D 140 -17.61 25.15 1.37
C PRO D 140 -17.77 25.08 2.90
N ASN D 141 -18.32 23.98 3.41
CA ASN D 141 -18.54 23.81 4.85
C ASN D 141 -17.52 22.89 5.54
N GLY D 142 -16.49 22.49 4.82
CA GLY D 142 -15.39 21.72 5.41
C GLY D 142 -14.47 22.62 6.24
N PRO D 143 -13.60 22.01 7.06
CA PRO D 143 -12.67 22.73 7.95
C PRO D 143 -11.66 23.64 7.23
N VAL D 144 -11.33 23.34 5.98
CA VAL D 144 -10.35 24.14 5.28
C VAL D 144 -10.94 25.49 4.90
N VAL D 145 -11.99 25.46 4.08
CA VAL D 145 -12.70 26.68 3.68
C VAL D 145 -13.25 27.43 4.90
N GLN D 146 -13.77 26.71 5.89
CA GLN D 146 -14.32 27.34 7.11
C GLN D 146 -13.24 27.82 8.11
N LYS D 147 -11.98 27.59 7.77
CA LYS D 147 -10.83 27.97 8.61
C LYS D 147 -10.96 27.39 10.01
N LYS D 148 -11.16 26.08 10.07
CA LYS D 148 -11.33 25.38 11.32
C LYS D 148 -10.14 24.50 11.64
N THR D 149 -9.15 24.49 10.76
CA THR D 149 -7.94 23.72 11.01
C THR D 149 -7.09 24.50 12.03
N THR D 150 -6.44 23.77 12.94
CA THR D 150 -5.66 24.39 14.01
C THR D 150 -4.20 23.91 14.04
N GLY D 151 -3.83 23.06 13.10
CA GLY D 151 -2.45 22.59 13.00
C GLY D 151 -2.40 21.17 12.50
N TRP D 152 -1.20 20.61 12.44
CA TRP D 152 -1.02 19.23 12.03
C TRP D 152 -0.63 18.39 13.22
N GLU D 153 -1.07 17.13 13.21
CA GLU D 153 -0.47 16.15 14.08
C GLU D 153 0.97 15.95 13.61
N PRO D 154 1.86 15.40 14.48
CA PRO D 154 3.11 14.96 13.88
C PRO D 154 2.82 13.77 12.95
N SER D 155 3.74 13.48 12.05
CA SER D 155 3.47 12.47 11.04
C SER D 155 4.59 11.48 10.91
N THR D 156 4.29 10.42 10.18
CA THR D 156 5.25 9.40 9.83
C THR D 156 5.01 9.05 8.35
N GLU D 157 6.03 9.29 7.55
CA GLU D 157 6.01 9.01 6.12
C GLU D 157 6.72 7.68 5.86
N ARG D 158 6.12 6.83 5.03
CA ARG D 158 6.79 5.63 4.60
C ARG D 158 7.39 5.87 3.24
N LEU D 159 8.67 5.56 3.09
CA LEU D 159 9.39 5.82 1.84
C LEU D 159 9.97 4.56 1.25
N TYR D 160 9.98 4.48 -0.07
CA TYR D 160 10.64 3.38 -0.77
C TYR D 160 11.19 3.86 -2.12
N PRO D 161 12.27 3.22 -2.61
CA PRO D 161 12.81 3.54 -3.92
C PRO D 161 12.07 2.86 -5.07
N ARG D 162 12.10 3.49 -6.23
CA ARG D 162 11.49 2.93 -7.44
C ARG D 162 11.98 3.75 -8.62
N ASP D 163 12.56 3.07 -9.63
CA ASP D 163 12.94 3.71 -10.90
C ASP D 163 13.96 4.84 -10.73
N GLY D 164 14.80 4.74 -9.71
CA GLY D 164 15.79 5.78 -9.41
C GLY D 164 15.22 6.99 -8.70
N VAL D 165 13.92 6.98 -8.40
CA VAL D 165 13.31 8.05 -7.61
C VAL D 165 12.78 7.56 -6.26
N LEU D 166 12.44 8.50 -5.39
CA LEU D 166 11.94 8.19 -4.06
C LEU D 166 10.44 8.48 -3.96
N ILE D 167 9.70 7.55 -3.38
CA ILE D 167 8.25 7.70 -3.21
C ILE D 167 7.96 7.65 -1.73
N GLY D 168 7.20 8.63 -1.25
CA GLY D 168 6.83 8.68 0.17
C GLY D 168 5.34 8.86 0.32
N ASP D 169 4.74 8.18 1.29
CA ASP D 169 3.30 8.23 1.51
C ASP D 169 3.03 8.45 2.99
N ILE D 170 2.12 9.37 3.29
CA ILE D 170 1.75 9.69 4.67
C ILE D 170 0.25 9.57 4.85
N HIS D 171 -0.13 8.99 5.98
CA HIS D 171 -1.50 9.09 6.48
C HIS D 171 -1.49 10.12 7.58
N HIS D 172 -1.87 11.32 7.19
CA HIS D 172 -1.70 12.50 8.00
C HIS D 172 -3.07 12.95 8.48
N ALA D 173 -3.06 14.01 9.28
CA ALA D 173 -4.28 14.59 9.80
C ALA D 173 -4.00 15.98 10.33
N LEU D 174 -4.95 16.86 10.06
CA LEU D 174 -4.96 18.18 10.62
C LEU D 174 -5.84 18.11 11.84
N THR D 175 -5.49 18.88 12.86
CA THR D 175 -6.36 19.04 14.01
C THR D 175 -7.39 20.11 13.65
N VAL D 176 -8.56 20.01 14.28
CA VAL D 176 -9.69 20.88 13.97
C VAL D 176 -10.22 21.48 15.28
N GLU D 177 -10.80 22.67 15.20
CA GLU D 177 -11.13 23.48 16.39
C GLU D 177 -11.72 22.72 17.58
N GLY D 178 -12.93 22.18 17.42
CA GLY D 178 -13.63 21.58 18.56
C GLY D 178 -13.06 20.26 19.04
N GLY D 179 -11.84 19.96 18.63
CA GLY D 179 -11.27 18.63 18.81
C GLY D 179 -11.59 17.82 17.57
N GLY D 180 -10.95 16.66 17.44
CA GLY D 180 -11.12 15.85 16.25
C GLY D 180 -10.14 16.19 15.15
N HIS D 181 -10.17 15.38 14.09
CA HIS D 181 -9.15 15.39 13.06
C HIS D 181 -9.74 15.46 11.68
N TYR D 182 -8.96 15.96 10.75
CA TYR D 182 -9.36 16.04 9.36
C TYR D 182 -8.26 15.31 8.59
N ALA D 183 -8.56 14.09 8.18
CA ALA D 183 -7.55 13.21 7.61
C ALA D 183 -7.19 13.52 6.16
N CYS D 184 -5.97 13.12 5.80
CA CYS D 184 -5.48 13.29 4.46
C CYS D 184 -4.45 12.22 4.13
N ASP D 185 -4.42 11.84 2.87
CA ASP D 185 -3.47 10.88 2.36
C ASP D 185 -2.55 11.63 1.42
N ILE D 186 -1.25 11.60 1.75
CA ILE D 186 -0.28 12.38 1.02
C ILE D 186 0.68 11.44 0.29
N LYS D 187 0.83 11.63 -1.01
CA LYS D 187 1.89 10.95 -1.76
C LYS D 187 2.87 12.00 -2.28
N THR D 188 4.15 11.80 -2.01
CA THR D 188 5.17 12.66 -2.57
C THR D 188 6.17 11.82 -3.38
N VAL D 189 6.53 12.31 -4.56
CA VAL D 189 7.59 11.69 -5.33
C VAL D 189 8.75 12.69 -5.43
N TYR D 190 9.92 12.23 -4.97
CA TYR D 190 11.14 13.04 -4.92
C TYR D 190 12.08 12.63 -6.05
N ARG D 191 12.41 13.60 -6.92
CA ARG D 191 13.24 13.34 -8.10
C ARG D 191 14.53 14.16 -8.09
N ALA D 192 15.66 13.49 -7.87
CA ALA D 192 16.97 14.11 -8.07
C ALA D 192 17.14 14.44 -9.55
N LYS D 193 17.73 15.58 -9.83
CA LYS D 193 17.96 16.05 -11.21
C LYS D 193 19.10 15.30 -11.91
N LYS D 194 20.11 14.90 -11.14
CA LYS D 194 21.11 13.96 -11.63
C LYS D 194 20.86 12.58 -11.03
N ALA D 195 20.88 11.55 -11.89
CA ALA D 195 20.65 10.16 -11.48
C ALA D 195 21.48 9.77 -10.25
N ALA D 196 20.84 9.12 -9.28
CA ALA D 196 21.52 8.69 -8.06
C ALA D 196 22.50 7.53 -8.28
N LEU D 197 23.63 7.56 -7.56
CA LEU D 197 24.57 6.45 -7.54
C LEU D 197 23.97 5.30 -6.73
N LYS D 198 23.49 5.62 -5.53
CA LYS D 198 22.88 4.65 -4.64
C LYS D 198 21.48 5.13 -4.23
N MET D 199 20.69 4.20 -3.69
CA MET D 199 19.34 4.50 -3.23
C MET D 199 19.15 3.94 -1.83
N PRO D 200 18.32 4.62 -1.00
CA PRO D 200 17.99 4.05 0.30
C PRO D 200 16.97 2.92 0.12
N GLY D 201 16.74 2.17 1.19
CA GLY D 201 15.72 1.14 1.17
C GLY D 201 14.40 1.66 1.69
N TYR D 202 13.54 0.72 2.03
CA TYR D 202 12.24 0.97 2.64
C TYR D 202 12.45 1.58 4.01
N HIS D 203 11.94 2.79 4.24
CA HIS D 203 12.18 3.43 5.54
C HIS D 203 11.13 4.50 5.85
N TYR D 204 11.34 5.22 6.95
CA TYR D 204 10.35 6.16 7.47
C TYR D 204 10.97 7.49 7.83
N VAL D 205 10.19 8.55 7.66
CA VAL D 205 10.57 9.84 8.21
C VAL D 205 9.48 10.26 9.17
N ASP D 206 9.87 10.52 10.42
CA ASP D 206 9.02 11.19 11.39
C ASP D 206 9.20 12.72 11.27
N THR D 207 8.09 13.44 11.16
CA THR D 207 8.09 14.88 11.09
C THR D 207 7.14 15.45 12.13
N LYS D 208 7.52 16.59 12.69
CA LYS D 208 6.63 17.38 13.52
C LYS D 208 6.75 18.82 13.04
N LEU D 209 5.63 19.41 12.62
CA LEU D 209 5.57 20.78 12.16
C LEU D 209 4.63 21.60 13.04
N VAL D 210 5.12 22.77 13.47
CA VAL D 210 4.39 23.63 14.41
C VAL D 210 4.39 25.08 13.90
N ILE D 211 3.32 25.82 14.19
CA ILE D 211 3.26 27.26 13.95
C ILE D 211 3.77 27.98 15.18
N TRP D 212 4.89 28.68 15.03
CA TRP D 212 5.49 29.43 16.13
C TRP D 212 4.75 30.74 16.42
N ASN D 213 4.37 31.44 15.36
CA ASN D 213 3.49 32.61 15.48
C ASN D 213 2.91 33.05 14.16
N ASN D 214 1.89 33.89 14.24
CA ASN D 214 1.17 34.39 13.09
C ASN D 214 0.39 35.64 13.48
N ASP D 215 0.10 36.50 12.51
CA ASP D 215 -0.83 37.59 12.76
C ASP D 215 -2.26 37.07 12.66
N LYS D 216 -3.21 37.85 13.18
CA LYS D 216 -4.62 37.45 13.27
C LYS D 216 -5.21 36.90 11.95
N GLU D 217 -4.84 37.55 10.85
CA GLU D 217 -5.36 37.24 9.52
C GLU D 217 -4.51 36.21 8.75
N PHE D 218 -3.45 35.72 9.39
CA PHE D 218 -2.51 34.77 8.79
C PHE D 218 -1.84 35.30 7.51
N MET D 219 -1.46 36.58 7.53
CA MET D 219 -0.75 37.18 6.40
C MET D 219 0.76 36.98 6.55
N LYS D 220 1.19 36.79 7.80
CA LYS D 220 2.59 36.48 8.10
C LYS D 220 2.63 35.35 9.10
N VAL D 221 3.36 34.29 8.76
CA VAL D 221 3.39 33.11 9.61
C VAL D 221 4.81 32.60 9.78
N GLU D 222 5.13 32.28 11.03
CA GLU D 222 6.37 31.64 11.37
C GLU D 222 6.12 30.18 11.77
N GLU D 223 6.76 29.25 11.06
CA GLU D 223 6.60 27.82 11.36
C GLU D 223 7.93 27.09 11.40
N HIS D 224 7.96 26.00 12.17
CA HIS D 224 9.18 25.25 12.46
C HIS D 224 8.97 23.76 12.25
N GLU D 225 9.93 23.13 11.58
CA GLU D 225 9.88 21.71 11.27
C GLU D 225 11.04 20.95 11.88
N ILE D 226 10.73 19.93 12.66
CA ILE D 226 11.70 18.94 13.11
C ILE D 226 11.39 17.59 12.43
N ALA D 227 12.41 16.96 11.83
CA ALA D 227 12.21 15.70 11.10
C ALA D 227 13.42 14.76 11.17
N VAL D 228 13.13 13.47 11.29
CA VAL D 228 14.14 12.41 11.49
C VAL D 228 13.81 11.16 10.67
N ALA D 229 14.77 10.67 9.89
CA ALA D 229 14.62 9.42 9.16
C ALA D 229 15.03 8.24 10.04
N ARG D 230 14.32 7.11 9.90
CA ARG D 230 14.62 5.89 10.65
C ARG D 230 14.09 4.67 9.90
N HIS D 231 14.52 3.50 10.34
CA HIS D 231 13.90 2.24 9.92
C HIS D 231 12.72 1.95 10.85
N HIS D 232 11.83 1.08 10.39
CA HIS D 232 10.79 0.50 11.24
C HIS D 232 11.43 -0.12 12.49
N PRO D 233 10.78 0.03 13.67
CA PRO D 233 11.23 -0.65 14.89
C PRO D 233 11.44 -2.17 14.78
N PHE D 234 10.68 -2.84 13.91
CA PHE D 234 10.85 -4.30 13.70
C PHE D 234 11.68 -4.63 12.45
N TYR D 235 12.41 -3.65 11.93
CA TYR D 235 13.35 -3.85 10.82
C TYR D 235 14.53 -4.77 11.18
N GLU D 236 14.82 -5.73 10.29
CA GLU D 236 16.03 -6.56 10.37
C GLU D 236 16.83 -6.51 9.06
N PRO D 237 18.11 -6.06 9.15
CA PRO D 237 18.99 -5.89 7.98
C PRO D 237 18.91 -7.01 6.93
N VAL E 18 12.48 -9.06 28.68
CA VAL E 18 12.69 -8.94 27.21
C VAL E 18 12.57 -10.29 26.51
N ILE E 19 12.98 -11.36 27.19
CA ILE E 19 12.88 -12.72 26.64
C ILE E 19 11.60 -13.40 27.11
N LYS E 20 10.76 -13.77 26.14
CA LYS E 20 9.46 -14.38 26.40
C LYS E 20 9.61 -15.88 26.58
N GLU E 21 8.56 -16.54 27.07
CA GLU E 21 8.57 -17.99 27.31
C GLU E 21 8.65 -18.81 26.01
N GLU E 22 8.16 -18.23 24.92
CA GLU E 22 8.28 -18.83 23.59
C GLU E 22 8.83 -17.79 22.62
N MET E 23 9.78 -18.20 21.78
CA MET E 23 10.45 -17.28 20.86
C MET E 23 10.72 -17.91 19.51
N LEU E 24 10.84 -17.08 18.48
CA LEU E 24 11.03 -17.53 17.11
C LEU E 24 12.48 -17.48 16.68
N ILE E 25 12.83 -18.32 15.70
CA ILE E 25 14.18 -18.38 15.16
C ILE E 25 14.14 -18.27 13.64
N ASP E 26 14.87 -17.30 13.10
CA ASP E 26 15.12 -17.26 11.67
C ASP E 26 16.62 -17.36 11.51
N LEU E 27 17.09 -18.22 10.61
CA LEU E 27 18.54 -18.37 10.41
C LEU E 27 18.97 -18.45 8.94
N HIS E 28 20.23 -18.10 8.71
CA HIS E 28 20.84 -18.17 7.40
C HIS E 28 22.32 -18.59 7.53
N LEU E 29 22.72 -19.58 6.73
CA LEU E 29 24.10 -20.07 6.74
C LEU E 29 24.75 -19.97 5.36
N GLU E 30 26.00 -19.55 5.34
CA GLU E 30 26.84 -19.51 4.15
C GLU E 30 28.16 -20.17 4.48
N GLY E 31 28.60 -21.13 3.66
CA GLY E 31 29.82 -21.85 3.97
C GLY E 31 30.57 -22.52 2.84
N THR E 32 31.80 -22.94 3.13
CA THR E 32 32.64 -23.72 2.22
C THR E 32 33.13 -24.99 2.92
N PHE E 33 33.43 -26.02 2.12
CA PHE E 33 33.92 -27.29 2.65
C PHE E 33 34.96 -27.93 1.72
N HIS E 36 33.78 -26.09 -2.03
CA HIS E 36 32.36 -26.26 -2.29
C HIS E 36 31.51 -25.27 -1.48
N TYR E 37 30.95 -24.27 -2.16
CA TYR E 37 30.08 -23.28 -1.52
C TYR E 37 28.65 -23.79 -1.39
N PHE E 38 28.02 -23.51 -0.25
CA PHE E 38 26.66 -23.95 0.03
C PHE E 38 25.90 -22.98 0.93
N GLU E 39 24.58 -22.95 0.77
CA GLU E 39 23.72 -22.03 1.52
C GLU E 39 22.54 -22.78 2.13
N ILE E 40 22.21 -22.43 3.36
CA ILE E 40 21.09 -23.03 4.09
C ILE E 40 20.29 -21.95 4.82
N LYS E 41 18.97 -22.08 4.79
CA LYS E 41 18.09 -21.19 5.52
C LYS E 41 17.24 -22.03 6.49
N GLY E 42 16.74 -21.40 7.54
CA GLY E 42 15.98 -22.12 8.54
C GLY E 42 15.05 -21.27 9.38
N LYS E 43 13.94 -21.89 9.80
CA LYS E 43 12.98 -21.27 10.69
C LYS E 43 12.81 -22.15 11.91
N GLY E 44 12.56 -21.55 13.07
CA GLY E 44 12.35 -22.34 14.28
C GLY E 44 11.57 -21.67 15.38
N LYS E 45 11.33 -22.45 16.43
CA LYS E 45 10.68 -21.99 17.66
C LYS E 45 11.44 -22.55 18.85
N GLY E 46 11.53 -21.75 19.91
CA GLY E 46 12.22 -22.16 21.12
C GLY E 46 11.50 -21.75 22.38
N GLN E 47 11.97 -22.30 23.49
CA GLN E 47 11.48 -21.95 24.82
C GLN E 47 12.70 -21.69 25.70
N PRO E 48 13.16 -20.42 25.77
CA PRO E 48 14.39 -20.00 26.44
C PRO E 48 14.52 -20.45 27.90
N ASN E 49 13.41 -20.38 28.65
CA ASN E 49 13.40 -20.83 30.05
C ASN E 49 13.46 -22.35 30.20
N GLU E 50 12.79 -23.06 29.28
CA GLU E 50 12.74 -24.52 29.31
C GLU E 50 14.01 -25.16 28.72
N GLY E 51 14.83 -24.35 28.06
CA GLY E 51 16.07 -24.82 27.44
C GLY E 51 15.88 -25.71 26.23
N THR E 52 14.82 -25.47 25.47
CA THR E 52 14.54 -26.25 24.27
C THR E 52 14.35 -25.37 23.04
N ASN E 53 14.74 -25.88 21.88
CA ASN E 53 14.37 -25.29 20.60
C ASN E 53 14.37 -26.31 19.46
N THR E 54 13.51 -26.07 18.48
CA THR E 54 13.37 -26.93 17.31
C THR E 54 13.49 -26.05 16.07
N VAL E 55 14.36 -26.44 15.15
CA VAL E 55 14.52 -25.71 13.88
C VAL E 55 14.35 -26.64 12.69
N THR E 56 13.81 -26.09 11.61
CA THR E 56 13.67 -26.81 10.35
C THR E 56 14.49 -26.08 9.29
N LEU E 57 15.42 -26.79 8.67
CA LEU E 57 16.36 -26.20 7.72
C LEU E 57 16.15 -26.70 6.31
N GLU E 58 16.41 -25.84 5.33
CA GLU E 58 16.38 -26.20 3.91
C GLU E 58 17.65 -25.69 3.23
N VAL E 59 18.31 -26.56 2.47
CA VAL E 59 19.48 -26.16 1.69
C VAL E 59 19.02 -25.34 0.47
N THR E 60 19.41 -24.06 0.46
CA THR E 60 18.96 -23.13 -0.57
C THR E 60 19.83 -23.19 -1.84
N LYS E 61 20.89 -22.39 -1.87
CA LYS E 61 21.70 -22.20 -3.07
C LYS E 61 22.89 -23.15 -3.10
N GLY E 62 22.69 -24.32 -3.71
CA GLY E 62 23.71 -25.37 -3.75
C GLY E 62 23.79 -26.06 -2.40
N GLY E 63 23.59 -27.37 -2.38
CA GLY E 63 23.38 -28.19 -3.56
C GLY E 63 23.75 -29.60 -3.19
N PRO E 64 22.92 -30.60 -3.54
CA PRO E 64 22.95 -31.94 -2.97
C PRO E 64 24.27 -32.23 -2.23
N LEU E 65 24.29 -31.85 -0.95
CA LEU E 65 25.53 -31.77 -0.15
C LEU E 65 26.48 -32.96 -0.29
N PRO E 66 27.76 -32.67 -0.64
CA PRO E 66 28.77 -33.71 -0.84
C PRO E 66 29.43 -34.14 0.48
N PHE E 67 28.81 -33.79 1.59
CA PHE E 67 29.28 -34.16 2.93
C PHE E 67 28.11 -34.53 3.85
N GLY E 68 28.43 -35.16 4.98
CA GLY E 68 27.43 -35.55 5.97
C GLY E 68 26.84 -34.35 6.67
N TRP E 69 25.52 -34.35 6.82
CA TRP E 69 24.77 -33.22 7.39
C TRP E 69 25.21 -32.86 8.79
N HIS E 70 25.47 -33.89 9.60
CA HIS E 70 25.56 -33.75 11.06
C HIS E 70 26.57 -32.73 11.60
N ILE E 71 27.67 -32.52 10.88
CA ILE E 71 28.66 -31.50 11.29
C ILE E 71 28.07 -30.09 11.35
N LEU E 72 26.91 -29.91 10.72
CA LEU E 72 26.24 -28.61 10.68
C LEU E 72 25.25 -28.40 11.81
N CYS E 73 24.76 -29.49 12.39
CA CYS E 73 23.73 -29.43 13.45
C CYS E 73 23.96 -28.38 14.55
N PRO E 74 25.16 -28.38 15.19
CA PRO E 74 25.36 -27.39 16.26
C PRO E 74 25.55 -25.96 15.75
N GLN E 75 25.73 -25.79 14.45
CA GLN E 75 25.79 -24.46 13.83
C GLN E 75 24.42 -23.78 13.89
N PHE E 76 23.37 -24.54 13.54
CA PHE E 76 21.98 -24.06 13.62
C PHE E 76 21.48 -24.00 15.06
N ASN E 78 22.36 -21.36 19.59
CA ASN E 78 22.07 -20.18 20.44
C ASN E 78 21.88 -20.62 21.87
N LYS E 79 22.93 -20.47 22.67
CA LYS E 79 22.88 -20.91 24.06
C LYS E 79 22.06 -19.96 24.96
N ALA E 80 21.32 -19.06 24.33
CA ALA E 80 20.22 -18.36 24.99
C ALA E 80 19.09 -19.36 25.25
N PHE E 81 19.06 -20.43 24.47
CA PHE E 81 18.13 -21.56 24.66
C PHE E 81 18.76 -22.66 25.55
N VAL E 82 19.32 -22.24 26.68
CA VAL E 82 19.82 -23.17 27.69
C VAL E 82 19.11 -22.83 28.99
N HIS E 83 18.49 -23.84 29.60
CA HIS E 83 17.90 -23.69 30.93
C HIS E 83 19.00 -23.40 31.95
N HIS E 84 18.88 -22.27 32.63
CA HIS E 84 19.82 -21.90 33.69
C HIS E 84 19.11 -21.91 35.04
N PRO E 85 19.72 -22.58 36.04
CA PRO E 85 19.24 -22.46 37.42
C PRO E 85 19.53 -21.06 37.95
N ASP E 86 18.84 -20.68 39.03
CA ASP E 86 18.97 -19.33 39.60
C ASP E 86 20.39 -19.00 40.07
N ASN E 87 21.19 -20.04 40.34
CA ASN E 87 22.56 -19.89 40.83
C ASN E 87 23.61 -19.58 39.76
N ILE E 88 23.28 -19.80 38.49
CA ILE E 88 24.22 -19.53 37.39
C ILE E 88 23.74 -18.33 36.58
N HIS E 89 24.55 -17.26 36.58
CA HIS E 89 24.24 -16.06 35.81
C HIS E 89 24.09 -16.43 34.33
N ASP E 90 22.97 -16.04 33.75
CA ASP E 90 22.67 -16.36 32.36
C ASP E 90 23.24 -15.26 31.46
N TYR E 91 24.52 -15.42 31.11
CA TYR E 91 25.27 -14.46 30.32
C TYR E 91 24.60 -14.13 28.99
N LEU E 92 24.15 -15.17 28.30
CA LEU E 92 23.61 -15.01 26.94
C LEU E 92 22.22 -14.42 26.86
N LYS E 93 21.32 -14.88 27.73
CA LYS E 93 19.96 -14.34 27.82
C LYS E 93 19.99 -12.86 28.23
N LEU E 94 20.89 -12.52 29.15
CA LEU E 94 21.00 -11.15 29.66
C LEU E 94 21.80 -10.20 28.74
N SER E 95 22.39 -10.74 27.68
CA SER E 95 23.06 -9.92 26.67
C SER E 95 22.07 -9.23 25.74
N PHE E 96 20.83 -9.71 25.74
CA PHE E 96 19.76 -9.13 24.93
C PHE E 96 19.08 -7.98 25.68
N PRO E 97 18.46 -7.03 24.94
CA PRO E 97 18.12 -6.98 23.51
C PRO E 97 19.27 -6.75 22.52
N GLU E 98 20.39 -6.20 23.01
CA GLU E 98 21.57 -5.94 22.17
C GLU E 98 22.03 -7.18 21.38
N GLY E 99 22.22 -8.30 22.08
CA GLY E 99 22.60 -9.54 21.43
C GLY E 99 24.03 -9.95 21.71
N TYR E 100 24.52 -10.93 20.95
CA TYR E 100 25.88 -11.44 21.09
C TYR E 100 26.36 -12.12 19.80
N THR E 101 27.64 -12.46 19.78
CA THR E 101 28.23 -13.25 18.69
C THR E 101 28.92 -14.47 19.28
N TRP E 102 29.02 -15.55 18.52
CA TRP E 102 29.94 -16.62 18.88
C TRP E 102 30.91 -17.02 17.76
N GLU E 103 32.10 -17.45 18.19
CA GLU E 103 33.10 -17.99 17.30
C GLU E 103 33.36 -19.41 17.78
N ARG E 104 33.35 -20.35 16.84
CA ARG E 104 33.49 -21.76 17.14
C ARG E 104 34.56 -22.39 16.25
N SER E 105 35.41 -23.20 16.88
CA SER E 105 36.33 -24.06 16.14
C SER E 105 35.98 -25.51 16.45
N MET E 106 36.00 -26.35 15.42
CA MET E 106 35.76 -27.78 15.61
C MET E 106 36.92 -28.57 15.01
N HIS E 107 37.76 -29.11 15.88
CA HIS E 107 38.88 -29.95 15.46
C HIS E 107 38.47 -31.41 15.57
N PHE E 108 38.42 -32.08 14.42
CA PHE E 108 38.05 -33.48 14.37
C PHE E 108 39.29 -34.38 14.40
N GLU E 109 39.10 -35.63 14.81
CA GLU E 109 40.22 -36.56 15.04
C GLU E 109 41.02 -36.94 13.78
N ASP E 110 40.40 -36.83 12.61
CA ASP E 110 41.06 -37.19 11.35
C ASP E 110 41.66 -35.99 10.58
N GLY E 111 41.75 -34.84 11.24
CA GLY E 111 42.43 -33.67 10.68
C GLY E 111 41.51 -32.61 10.10
N GLY E 112 40.20 -32.84 10.18
CA GLY E 112 39.22 -31.90 9.65
C GLY E 112 38.93 -30.77 10.60
N LEU E 113 38.93 -29.54 10.08
CA LEU E 113 38.68 -28.35 10.90
C LEU E 113 37.50 -27.52 10.39
N CYS E 114 36.58 -27.22 11.29
CA CYS E 114 35.46 -26.32 11.01
C CYS E 114 35.60 -25.04 11.82
N CYS E 115 35.66 -23.91 11.13
CA CYS E 115 35.59 -22.60 11.78
C CYS E 115 34.20 -22.04 11.55
N ILE E 116 33.50 -21.67 12.62
CA ILE E 116 32.12 -21.21 12.53
C ILE E 116 31.86 -19.95 13.36
N THR E 117 31.25 -18.95 12.72
CA THR E 117 30.80 -17.74 13.41
C THR E 117 29.29 -17.59 13.32
N ASN E 118 28.70 -16.95 14.32
CA ASN E 118 27.28 -16.60 14.29
C ASN E 118 27.07 -15.27 14.98
N ASP E 119 26.43 -14.34 14.27
CA ASP E 119 25.97 -13.12 14.90
C ASP E 119 24.49 -13.30 15.19
N ILE E 120 24.12 -13.09 16.45
CA ILE E 120 22.73 -13.29 16.87
C ILE E 120 22.10 -11.98 17.30
N SER E 121 21.07 -11.60 16.56
CA SER E 121 20.31 -10.39 16.83
C SER E 121 18.89 -10.77 17.24
N LEU E 122 18.20 -9.80 17.83
CA LEU E 122 16.82 -9.99 18.26
C LEU E 122 15.98 -8.77 17.90
N THR E 123 15.09 -8.94 16.93
CA THR E 123 14.08 -7.93 16.62
C THR E 123 12.71 -8.58 16.79
N GLY E 124 11.85 -7.93 17.57
CA GLY E 124 10.56 -8.50 17.95
C GLY E 124 10.79 -9.69 18.86
N ASN E 125 10.02 -10.75 18.66
CA ASN E 125 10.20 -12.00 19.40
C ASN E 125 10.94 -13.07 18.59
N CYS E 126 11.85 -12.63 17.71
CA CYS E 126 12.56 -13.53 16.82
C CYS E 126 14.08 -13.29 16.84
N PHE E 127 14.83 -14.36 17.14
CA PHE E 127 16.27 -14.35 17.02
C PHE E 127 16.66 -14.53 15.57
N TYR E 128 17.67 -13.79 15.12
CA TYR E 128 18.17 -13.91 13.76
C TYR E 128 19.63 -14.34 13.78
N TYR E 129 19.91 -15.47 13.14
CA TYR E 129 21.29 -15.97 13.08
C TYR E 129 21.94 -15.59 11.75
N ASP E 130 23.19 -15.18 11.83
CA ASP E 130 23.99 -14.87 10.65
C ASP E 130 25.24 -15.74 10.70
N ILE E 131 25.13 -16.94 10.15
CA ILE E 131 26.14 -17.98 10.34
C ILE E 131 27.11 -18.05 9.16
N LYS E 132 28.41 -18.04 9.48
CA LYS E 132 29.47 -18.23 8.49
C LYS E 132 30.17 -19.56 8.78
N PHE E 133 30.36 -20.36 7.74
CA PHE E 133 30.90 -21.71 7.89
C PHE E 133 32.13 -21.94 7.01
N THR E 134 33.11 -22.65 7.57
CA THR E 134 34.31 -23.03 6.83
C THR E 134 34.75 -24.44 7.26
N GLY E 135 34.95 -25.32 6.30
CA GLY E 135 35.39 -26.70 6.57
C GLY E 135 36.58 -27.12 5.74
N LEU E 136 37.77 -27.13 6.35
CA LEU E 136 39.01 -27.41 5.63
C LEU E 136 39.75 -28.65 6.15
N ASN E 137 40.53 -29.27 5.26
CA ASN E 137 41.39 -30.40 5.61
C ASN E 137 40.63 -31.70 5.87
N PHE E 138 39.39 -31.78 5.40
CA PHE E 138 38.59 -33.01 5.53
C PHE E 138 39.03 -34.06 4.51
N PRO E 139 39.38 -35.26 4.99
CA PRO E 139 39.90 -36.34 4.14
C PRO E 139 38.84 -36.94 3.22
N PRO E 140 39.24 -37.36 2.00
CA PRO E 140 38.33 -37.96 1.02
C PRO E 140 37.64 -39.23 1.53
N ASN E 141 38.43 -40.18 2.03
CA ASN E 141 37.90 -41.44 2.55
C ASN E 141 37.60 -41.37 4.05
N GLY E 142 36.93 -40.30 4.46
CA GLY E 142 36.59 -40.09 5.87
C GLY E 142 35.08 -39.99 6.11
N PRO E 143 34.64 -40.24 7.36
CA PRO E 143 33.21 -40.32 7.72
C PRO E 143 32.35 -39.10 7.35
N VAL E 144 32.95 -37.91 7.27
CA VAL E 144 32.22 -36.69 6.93
C VAL E 144 31.90 -36.60 5.42
N VAL E 145 32.92 -36.83 4.59
CA VAL E 145 32.74 -36.84 3.15
C VAL E 145 31.93 -38.06 2.70
N GLN E 146 32.27 -39.22 3.25
CA GLN E 146 31.60 -40.49 2.89
C GLN E 146 30.16 -40.59 3.40
N LYS E 147 29.76 -39.65 4.25
CA LYS E 147 28.40 -39.60 4.81
C LYS E 147 28.09 -40.78 5.71
N LYS E 148 28.98 -41.05 6.66
CA LYS E 148 28.83 -42.19 7.57
C LYS E 148 28.36 -41.78 8.97
N THR E 149 28.36 -40.48 9.26
CA THR E 149 27.89 -39.96 10.55
C THR E 149 26.39 -40.19 10.69
N THR E 150 25.97 -40.65 11.86
CA THR E 150 24.55 -40.96 12.10
C THR E 150 23.87 -40.03 13.09
N GLY E 151 24.65 -39.18 13.74
CA GLY E 151 24.11 -38.20 14.69
C GLY E 151 25.12 -37.77 15.73
N TRP E 152 24.65 -37.06 16.74
CA TRP E 152 25.50 -36.64 17.87
C TRP E 152 25.11 -37.33 19.17
N GLU E 153 26.12 -37.81 19.88
CA GLU E 153 25.96 -38.20 21.28
C GLU E 153 25.60 -36.93 22.05
N PRO E 154 24.82 -37.06 23.13
CA PRO E 154 24.68 -35.94 24.06
C PRO E 154 26.04 -35.44 24.56
N SER E 155 26.13 -34.17 24.88
CA SER E 155 27.41 -33.54 25.19
C SER E 155 27.42 -32.78 26.48
N THR E 156 28.62 -32.49 26.96
CA THR E 156 28.82 -31.66 28.12
C THR E 156 29.91 -30.66 27.77
N GLU E 157 29.53 -29.39 27.84
CA GLU E 157 30.41 -28.27 27.56
C GLU E 157 30.88 -27.72 28.91
N ARG E 158 32.19 -27.50 29.05
CA ARG E 158 32.71 -26.81 30.21
C ARG E 158 32.98 -25.35 29.88
N LEU E 159 32.38 -24.47 30.67
CA LEU E 159 32.48 -23.04 30.42
C LEU E 159 33.14 -22.31 31.56
N TYR E 160 33.89 -21.28 31.21
CA TYR E 160 34.50 -20.37 32.18
C TYR E 160 34.58 -18.94 31.61
N PRO E 161 34.47 -17.93 32.48
CA PRO E 161 34.55 -16.53 32.03
C PRO E 161 36.00 -16.11 31.81
N ARG E 162 36.22 -15.22 30.85
CA ARG E 162 37.56 -14.70 30.55
C ARG E 162 37.48 -13.36 29.83
N ASP E 163 37.88 -12.29 30.53
CA ASP E 163 37.88 -10.93 29.97
C ASP E 163 36.50 -10.47 29.50
N GLY E 164 35.49 -10.74 30.33
CA GLY E 164 34.12 -10.35 30.04
C GLY E 164 33.43 -11.20 28.98
N VAL E 165 34.12 -12.21 28.44
CA VAL E 165 33.53 -13.13 27.47
C VAL E 165 33.49 -14.57 28.00
N LEU E 166 32.64 -15.39 27.42
CA LEU E 166 32.44 -16.76 27.86
C LEU E 166 33.20 -17.72 26.94
N ILE E 167 34.00 -18.60 27.55
CA ILE E 167 34.74 -19.62 26.79
C ILE E 167 34.12 -20.98 27.08
N GLY E 168 33.74 -21.69 26.02
CA GLY E 168 33.21 -23.04 26.16
C GLY E 168 33.98 -24.07 25.35
N ASP E 169 34.30 -25.20 25.98
CA ASP E 169 34.97 -26.31 25.30
C ASP E 169 34.20 -27.62 25.48
N ILE E 170 34.08 -28.38 24.41
CA ILE E 170 33.43 -29.70 24.45
C ILE E 170 34.35 -30.78 23.88
N HIS E 171 34.42 -31.92 24.57
CA HIS E 171 34.89 -33.14 23.94
C HIS E 171 33.66 -33.90 23.51
N HIS E 172 33.44 -33.90 22.20
CA HIS E 172 32.20 -34.35 21.61
C HIS E 172 32.49 -35.52 20.68
N ALA E 173 31.44 -36.09 20.11
CA ALA E 173 31.57 -37.20 19.19
C ALA E 173 30.35 -37.35 18.31
N LEU E 174 30.60 -37.64 17.04
CA LEU E 174 29.56 -38.04 16.12
C LEU E 174 29.44 -39.56 16.19
N THR E 175 28.20 -40.06 16.16
CA THR E 175 27.97 -41.50 16.03
C THR E 175 28.21 -41.86 14.57
N VAL E 176 28.73 -43.06 14.33
CA VAL E 176 29.03 -43.55 12.98
C VAL E 176 28.23 -44.83 12.69
N GLU E 177 27.83 -45.00 11.43
CA GLU E 177 27.07 -46.17 10.98
C GLU E 177 27.65 -47.51 11.45
N GLY E 178 28.98 -47.60 11.49
CA GLY E 178 29.66 -48.83 11.92
C GLY E 178 29.62 -49.08 13.42
N GLY E 179 28.91 -48.20 14.15
CA GLY E 179 28.79 -48.31 15.61
C GLY E 179 29.85 -47.53 16.35
N GLY E 180 30.84 -47.04 15.60
CA GLY E 180 31.97 -46.31 16.19
C GLY E 180 31.64 -44.88 16.56
N HIS E 181 32.67 -44.14 16.94
CA HIS E 181 32.54 -42.71 17.22
C HIS E 181 33.56 -41.92 16.41
N TYR E 182 33.16 -40.70 16.04
CA TYR E 182 34.03 -39.78 15.33
C TYR E 182 34.26 -38.55 16.21
N ALA E 183 35.37 -38.59 16.95
CA ALA E 183 35.66 -37.63 18.02
C ALA E 183 35.89 -36.21 17.53
N CYS E 184 35.65 -35.26 18.42
CA CYS E 184 35.57 -33.86 18.06
C CYS E 184 35.87 -32.96 19.25
N ASP E 185 36.82 -32.05 19.08
CA ASP E 185 37.16 -31.04 20.08
C ASP E 185 36.59 -29.68 19.67
N ILE E 186 35.56 -29.24 20.40
CA ILE E 186 34.86 -28.00 20.06
C ILE E 186 35.21 -26.87 21.02
N LYS E 187 35.61 -25.73 20.46
CA LYS E 187 35.81 -24.51 21.24
C LYS E 187 34.85 -23.42 20.74
N THR E 188 34.12 -22.81 21.68
CA THR E 188 33.24 -21.69 21.36
C THR E 188 33.54 -20.51 22.27
N VAL E 189 33.67 -19.32 21.67
CA VAL E 189 33.80 -18.08 22.42
C VAL E 189 32.53 -17.24 22.21
N TYR E 190 31.80 -17.02 23.29
CA TYR E 190 30.59 -16.20 23.26
C TYR E 190 30.93 -14.78 23.68
N ARG E 191 30.64 -13.82 22.80
CA ARG E 191 30.93 -12.40 23.06
C ARG E 191 29.66 -11.58 23.04
N ALA E 192 29.26 -11.10 24.22
CA ALA E 192 28.14 -10.17 24.33
C ALA E 192 28.47 -8.89 23.56
N LYS E 193 27.50 -8.38 22.79
CA LYS E 193 27.69 -7.17 22.02
C LYS E 193 27.91 -5.95 22.93
N LYS E 194 27.12 -5.88 24.01
CA LYS E 194 27.32 -4.90 25.08
C LYS E 194 27.89 -5.59 26.32
N ALA E 195 28.78 -4.89 27.02
CA ALA E 195 29.52 -5.43 28.17
C ALA E 195 28.63 -5.94 29.31
N ALA E 196 29.10 -7.01 29.97
CA ALA E 196 28.38 -7.60 31.11
C ALA E 196 28.95 -7.16 32.46
N LEU E 197 28.06 -6.78 33.38
CA LYS E 198 27.92 -9.83 35.83
C LYS E 198 28.27 -11.06 34.98
N MET E 199 29.12 -11.92 35.53
CA MET E 199 29.61 -13.10 34.82
C MET E 199 29.29 -14.40 35.56
N PRO E 200 29.05 -15.49 34.80
CA PRO E 200 28.95 -16.80 35.43
C PRO E 200 30.33 -17.30 35.86
N GLY E 201 30.37 -18.29 36.74
CA GLY E 201 31.62 -18.91 37.16
C GLY E 201 31.92 -20.16 36.35
N TYR E 202 32.65 -21.08 36.96
CA TYR E 202 32.99 -22.34 36.33
C TYR E 202 31.77 -23.26 36.34
N HIS E 203 31.33 -23.68 35.16
CA HIS E 203 30.12 -24.49 35.05
C HIS E 203 30.02 -25.27 33.74
N TYR E 204 28.93 -26.02 33.60
CA TYR E 204 28.75 -26.92 32.48
C TYR E 204 27.39 -26.71 31.84
N VAL E 205 27.31 -27.05 30.55
CA VAL E 205 26.04 -27.15 29.86
C VAL E 205 25.96 -28.54 29.25
N ASP E 206 24.91 -29.28 29.63
CA ASP E 206 24.63 -30.56 29.03
C ASP E 206 23.65 -30.34 27.89
N THR E 207 23.99 -30.86 26.70
CA THR E 207 23.14 -30.73 25.54
C THR E 207 22.86 -32.08 24.90
N LYS E 208 21.67 -32.21 24.32
CA LYS E 208 21.30 -33.35 23.49
C LYS E 208 20.63 -32.82 22.23
N LEU E 209 21.26 -33.08 21.09
CA LEU E 209 20.74 -32.69 19.80
C LEU E 209 20.32 -33.92 19.01
N VAL E 210 19.08 -33.90 18.51
CA VAL E 210 18.57 -35.02 17.70
C VAL E 210 17.85 -34.57 16.43
N ILE E 211 18.06 -35.31 15.35
CA ILE E 211 17.31 -35.12 14.10
C ILE E 211 15.93 -35.75 14.27
N TRP E 212 14.89 -34.95 14.05
CA TRP E 212 13.52 -35.41 14.16
C TRP E 212 12.99 -35.96 12.83
N ASN E 213 13.17 -35.17 11.78
CA ASN E 213 12.74 -35.54 10.44
C ASN E 213 13.78 -35.14 9.38
N ASN E 214 13.87 -35.93 8.32
CA ASN E 214 14.75 -35.61 7.19
C ASN E 214 14.29 -36.29 5.90
N ASP E 215 14.63 -35.68 4.76
CA ASP E 215 14.46 -36.34 3.47
C ASP E 215 15.77 -36.99 3.01
N LYS E 216 15.67 -37.94 2.10
CA LYS E 216 16.81 -38.76 1.65
C LYS E 216 18.10 -37.99 1.33
N GLU E 217 17.96 -36.92 0.54
CA GLU E 217 19.10 -36.11 0.10
C GLU E 217 19.64 -35.18 1.20
N PHE E 218 18.86 -35.00 2.26
CA PHE E 218 19.24 -34.11 3.37
C PHE E 218 19.06 -32.65 3.00
N MET E 219 17.94 -32.34 2.35
CA MET E 219 17.63 -30.99 1.88
C MET E 219 16.66 -30.29 2.82
N LYS E 220 15.78 -31.08 3.44
CA LYS E 220 14.84 -30.59 4.45
C LYS E 220 15.08 -31.39 5.72
N VAL E 221 15.49 -30.71 6.79
CA VAL E 221 15.87 -31.37 8.04
C VAL E 221 15.28 -30.64 9.25
N GLU E 222 14.62 -31.38 10.12
CA GLU E 222 14.14 -30.85 11.39
C GLU E 222 14.97 -31.45 12.54
N GLU E 223 15.52 -30.58 13.37
CA GLU E 223 16.32 -31.01 14.51
C GLU E 223 15.88 -30.31 15.79
N HIS E 224 16.04 -31.01 16.91
CA HIS E 224 15.59 -30.57 18.20
C HIS E 224 16.76 -30.62 19.18
N GLU E 225 16.90 -29.59 20.01
CA GLU E 225 17.96 -29.55 20.99
C GLU E 225 17.42 -29.21 22.38
N ILE E 226 17.96 -29.89 23.39
CA ILE E 226 17.69 -29.59 24.79
C ILE E 226 19.04 -29.30 25.47
N ALA E 227 19.11 -28.20 26.21
CA ALA E 227 20.34 -27.82 26.89
C ALA E 227 20.04 -27.27 28.28
N VAL E 228 20.86 -27.67 29.23
CA VAL E 228 20.69 -27.31 30.63
C VAL E 228 22.04 -26.98 31.24
N ALA E 229 22.11 -25.86 31.96
CA ALA E 229 23.32 -25.46 32.67
C ALA E 229 23.30 -26.04 34.08
N ARG E 230 24.49 -26.32 34.59
CA ARG E 230 24.68 -26.90 35.92
C ARG E 230 26.13 -26.72 36.36
N HIS E 231 26.34 -26.80 37.67
CA HIS E 231 27.68 -26.86 38.21
C HIS E 231 28.14 -28.31 38.11
N HIS E 232 29.42 -28.56 38.41
CA HIS E 232 29.94 -29.91 38.53
C HIS E 232 29.13 -30.65 39.59
N PRO E 233 28.83 -31.96 39.37
CA PRO E 233 28.11 -32.79 40.35
C PRO E 233 28.71 -32.81 41.76
N PHE E 234 30.02 -32.61 41.87
CA PHE E 234 30.69 -32.58 43.19
C PHE E 234 30.72 -31.17 43.78
N TYR E 235 30.13 -30.22 43.06
CA TYR E 235 30.05 -28.83 43.51
C TYR E 235 29.22 -28.72 44.79
N GLY F 31 34.85 -10.86 5.88
CA GLY F 31 34.92 -11.84 7.01
C GLY F 31 34.80 -11.20 8.38
N THR F 32 35.10 -11.99 9.41
CA THR F 32 34.99 -11.55 10.80
C THR F 32 36.28 -11.70 11.61
N PHE F 33 36.40 -10.89 12.67
CA PHE F 33 37.49 -10.97 13.63
C PHE F 33 36.95 -10.73 15.03
N ASN F 34 36.88 -11.80 15.82
CA ASN F 34 36.31 -11.78 17.17
C ASN F 34 34.92 -11.12 17.25
N HIS F 36 33.28 -9.16 15.16
CA HIS F 36 33.35 -7.88 14.45
C HIS F 36 33.52 -8.09 12.94
N TYR F 37 32.57 -7.58 12.17
CA TYR F 37 32.53 -7.77 10.72
C TYR F 37 33.29 -6.70 9.95
N PHE F 38 34.06 -7.15 8.96
CA PHE F 38 34.81 -6.23 8.07
C PHE F 38 34.90 -6.75 6.64
CA THR F 60 34.35 -1.52 2.09
C THR F 60 34.13 -1.07 3.53
N LYS F 61 33.26 -1.78 4.24
CA LYS F 61 32.92 -1.45 5.63
C LYS F 61 33.70 -2.31 6.62
N GLY F 62 33.89 -1.78 7.83
CA GLY F 62 34.61 -2.47 8.90
C GLY F 62 35.55 -1.57 9.67
N PRO F 64 36.87 1.61 12.29
CA PRO F 64 37.74 2.56 12.98
N LEU F 65 39.57 -0.38 12.43
CA LEU F 65 39.69 -1.76 12.90
C LEU F 65 40.38 -1.83 14.26
N PRO F 66 39.91 -2.76 15.13
CA PRO F 66 40.55 -2.98 16.42
C PRO F 66 41.65 -4.06 16.39
N PHE F 67 42.25 -4.27 15.22
CA PHE F 67 43.33 -5.25 15.05
C PHE F 67 44.34 -4.86 13.97
N GLY F 68 45.50 -5.51 13.98
CA GLY F 68 46.57 -5.27 13.01
C GLY F 68 46.32 -5.94 11.68
N TRP F 69 46.52 -5.19 10.60
CA TRP F 69 46.20 -5.64 9.24
C TRP F 69 47.10 -6.72 8.67
N HIS F 70 48.15 -7.10 9.40
CA HIS F 70 49.08 -8.14 8.98
C HIS F 70 48.43 -9.53 9.03
N ILE F 71 47.41 -9.67 9.88
CA ILE F 71 46.62 -10.90 9.97
C ILE F 71 45.81 -11.14 8.70
N LEU F 72 45.35 -10.05 8.08
CA LEU F 72 44.62 -10.10 6.83
C LEU F 72 45.55 -10.16 5.62
N CYS F 73 46.82 -9.76 5.84
CA CYS F 73 47.86 -9.69 4.81
C CYS F 73 47.85 -10.81 3.76
N PRO F 74 48.07 -12.07 4.18
CA PRO F 74 48.09 -13.17 3.21
C PRO F 74 46.69 -13.65 2.86
N TRP F 102 41.94 -24.95 -1.67
CA TRP F 102 42.52 -25.00 -0.32
C TRP F 102 41.48 -24.71 0.76
CA SER F 105 44.21 -23.21 8.97
C SER F 105 45.38 -22.25 9.17
N MET F 106 45.28 -21.41 10.20
CA MET F 106 46.33 -20.45 10.53
C MET F 106 46.47 -20.29 12.05
N HIS F 107 46.97 -21.33 12.71
CA HIS F 107 47.08 -21.37 14.17
C HIS F 107 48.25 -20.52 14.68
N PHE F 108 47.97 -19.63 15.63
CA PHE F 108 49.00 -18.79 16.25
C PHE F 108 49.27 -19.22 17.70
N GLU F 109 50.43 -18.83 18.22
CA GLU F 109 50.85 -19.16 19.58
C GLU F 109 49.94 -18.56 20.66
N ASP F 110 49.43 -17.35 20.40
CA ASP F 110 48.50 -16.68 21.31
C ASP F 110 47.09 -17.23 21.13
N GLY F 112 44.73 -18.21 19.01
CA GLY F 112 44.18 -17.48 17.87
C GLY F 112 44.20 -18.30 16.60
N LEU F 113 43.02 -18.57 16.05
CA LEU F 113 42.88 -19.40 14.86
C LEU F 113 42.37 -18.61 13.66
N CYS F 114 42.79 -19.01 12.46
CA CYS F 114 42.35 -18.39 11.22
C CYS F 114 42.00 -19.40 10.13
N CYS F 115 40.79 -19.28 9.59
CA CYS F 115 40.36 -20.04 8.43
C CYS F 115 40.20 -19.08 7.26
N ILE F 116 40.83 -19.40 6.13
CA ILE F 116 40.79 -18.55 4.94
C ILE F 116 39.44 -18.71 4.22
N THR F 117 39.19 -17.83 3.25
CA THR F 117 37.95 -17.87 2.49
C THR F 117 37.81 -19.18 1.71
N PHE F 133 37.42 -15.00 5.36
CA PHE F 133 38.41 -15.15 6.42
C PHE F 133 37.79 -15.08 7.81
N THR F 134 38.03 -16.10 8.62
CA THR F 134 37.50 -16.20 9.99
C THR F 134 38.64 -16.15 11.01
N GLY F 135 38.57 -15.19 11.93
CA GLY F 135 39.55 -15.07 13.00
C GLY F 135 38.91 -15.16 14.38
N LEU F 136 39.28 -16.20 15.12
CA LEU F 136 38.66 -16.49 16.42
C LEU F 136 39.69 -16.65 17.55
N ASN F 137 39.24 -16.40 18.78
CA ASN F 137 40.03 -16.62 20.00
C ASN F 137 41.37 -15.86 20.07
N PHE F 138 41.35 -14.61 19.63
CA PHE F 138 42.51 -13.71 19.78
C PHE F 138 42.42 -12.94 21.09
N PRO F 139 43.48 -13.03 21.93
CA PRO F 139 43.46 -12.46 23.28
C PRO F 139 43.47 -10.92 23.31
N PRO F 140 42.86 -10.31 24.35
CA PRO F 140 42.86 -8.85 24.51
C PRO F 140 44.26 -8.29 24.76
N ASN F 141 45.01 -8.91 25.65
CA ASN F 141 46.38 -8.49 25.96
C ASN F 141 47.39 -8.89 24.89
N GLY F 142 46.94 -9.70 23.93
CA GLY F 142 47.80 -10.20 22.84
C GLY F 142 48.22 -9.15 21.83
N PRO F 143 49.19 -9.49 20.96
CA PRO F 143 49.75 -8.55 19.98
C PRO F 143 48.79 -8.11 18.87
N VAL F 144 48.06 -9.05 18.28
CA VAL F 144 47.14 -8.76 17.16
C VAL F 144 46.01 -7.82 17.59
N VAL F 145 45.34 -8.16 18.70
CA VAL F 145 44.26 -7.36 19.27
C VAL F 145 44.68 -5.94 19.67
N GLN F 146 45.97 -5.77 20.00
CA GLN F 146 46.51 -4.45 20.38
C GLN F 146 47.23 -3.74 19.24
N LYS F 147 47.74 -4.50 18.27
CA LYS F 147 48.41 -3.93 17.10
C LYS F 147 49.83 -3.47 17.40
N LYS F 148 49.95 -2.41 18.20
CA LYS F 148 51.24 -1.86 18.59
C LYS F 148 51.85 -2.64 19.75
N ASP F 169 50.88 -26.72 6.05
CA ASP F 169 52.32 -26.84 6.25
C ASP F 169 53.05 -25.55 5.87
N ILE F 170 53.70 -24.93 6.85
CA ILE F 170 54.46 -23.71 6.62
C ILE F 170 54.36 -22.77 7.82
N HIS F 171 55.50 -22.51 8.47
CA HIS F 171 55.57 -21.60 9.61
C HIS F 171 56.02 -20.21 9.17
N HIS F 172 55.28 -19.18 9.59
CA HIS F 172 55.57 -17.79 9.23
C HIS F 172 55.89 -16.92 10.44
N ALA F 173 56.60 -15.83 10.21
CA ALA F 173 57.03 -14.90 11.27
C ALA F 173 55.89 -14.02 11.74
N ALA F 183 54.61 -15.79 15.75
CA ALA F 183 54.61 -17.25 15.72
C ALA F 183 53.27 -17.77 15.20
N CYS F 184 53.30 -18.34 13.99
CA CYS F 184 52.10 -18.86 13.34
C CYS F 184 52.40 -20.10 12.50
N ASP F 185 51.35 -20.85 12.20
CA ASP F 185 51.46 -22.06 11.37
C ASP F 185 50.34 -22.08 10.32
N ILE F 186 50.72 -22.10 9.05
CA ILE F 186 49.77 -22.03 7.93
C ILE F 186 49.44 -23.41 7.36
N LYS F 187 48.25 -23.52 6.78
CA LYS F 187 47.78 -24.77 6.17
#